data_1NP7
#
_entry.id   1NP7
#
_cell.length_a   126.284
_cell.length_b   89.477
_cell.length_c   121.687
_cell.angle_alpha   90.00
_cell.angle_beta   120.46
_cell.angle_gamma   90.00
#
_symmetry.space_group_name_H-M   'C 1 2 1'
#
loop_
_entity.id
_entity.type
_entity.pdbx_description
1 polymer 'DNA photolyase'
2 non-polymer 'SULFATE ION'
3 non-polymer 'FLAVIN-ADENINE DINUCLEOTIDE'
4 water water
#
_entity_poly.entity_id   1
_entity_poly.type   'polypeptide(L)'
_entity_poly.pdbx_seq_one_letter_code
;MKHVPPTVLVWFRNDLRLHDHEPLHRALKSGLAITAVYCYDPRQFAQTHQGFAKTGPWRSNFLQQSVQNLAESLQKVGNK
LLVTTGLPEQVIPQIAKQINAKTIYYHREVTQEELDVERNLVKQLTILGIEAKGYWGSTLCHPEDLPFSIQDLPDLFTKF
RKDIEKKKISIRPCFFAPSQLLPSPNIKLELTAPPPEFFPQINFDHRSVLAFQGGETAGLARLQDYFWHGDRLKDYKETR
NGMVGADYSSKFSPWLALGCLSPRFIYQEVKRYEQERVSNDSTHWLIFELLWRDFFRFVAQKYGNKLFNRGGLLNKNFPW
QEDQVRFELWRSGQTGYPLVDANMRELNLTGFMSNRGRQNVASFLCKNLGIDWRWGAEWFESCLIDYDVCSNWGNWNYTA
GIGNDARDFRYFNIPKQSQQYDPQGTYLRHWLPELKNLPGDKIHQPWLLSATEQKQWGVQLGVDYPRPCVNFHQSVEARR
KIEQMGVIA
;
_entity_poly.pdbx_strand_id   A,B
#
loop_
_chem_comp.id
_chem_comp.type
_chem_comp.name
_chem_comp.formula
FAD non-polymer 'FLAVIN-ADENINE DINUCLEOTIDE' 'C27 H33 N9 O15 P2'
SO4 non-polymer 'SULFATE ION' 'O4 S -2'
#
# COMPACT_ATOMS: atom_id res chain seq x y z
N MET A 1 -5.00 32.87 56.90
CA MET A 1 -4.99 32.95 58.40
C MET A 1 -6.22 32.31 59.02
N LYS A 2 -7.37 32.43 58.35
CA LYS A 2 -8.60 31.82 58.87
C LYS A 2 -8.48 30.30 58.79
N HIS A 3 -9.28 29.60 59.58
CA HIS A 3 -9.24 28.14 59.59
C HIS A 3 -9.97 27.53 58.40
N VAL A 4 -9.25 26.75 57.61
CA VAL A 4 -9.85 26.10 56.45
C VAL A 4 -10.07 24.63 56.77
N PRO A 5 -11.34 24.25 57.00
CA PRO A 5 -11.68 22.86 57.32
C PRO A 5 -11.48 21.94 56.12
N PRO A 6 -11.25 20.65 56.37
CA PRO A 6 -11.07 19.73 55.24
C PRO A 6 -12.35 19.67 54.43
N THR A 7 -12.20 19.54 53.12
CA THR A 7 -13.36 19.49 52.23
C THR A 7 -13.12 18.46 51.13
N VAL A 8 -14.12 18.28 50.27
CA VAL A 8 -13.99 17.38 49.13
C VAL A 8 -14.30 18.25 47.92
N LEU A 9 -13.70 17.92 46.79
CA LEU A 9 -13.89 18.70 45.57
C LEU A 9 -14.41 17.85 44.43
N VAL A 10 -15.49 18.32 43.80
CA VAL A 10 -16.04 17.60 42.66
C VAL A 10 -15.63 18.37 41.41
N TRP A 11 -14.87 17.72 40.55
CA TRP A 11 -14.38 18.31 39.31
C TRP A 11 -15.24 17.89 38.13
N PHE A 12 -15.88 18.88 37.50
CA PHE A 12 -16.75 18.63 36.34
C PHE A 12 -16.07 18.83 34.98
N ARG A 13 -16.50 18.05 33.99
CA ARG A 13 -16.00 18.16 32.62
C ARG A 13 -17.15 17.95 31.64
N ASN A 14 -17.46 16.70 31.33
CA ASN A 14 -18.54 16.39 30.40
C ASN A 14 -19.68 15.67 31.12
N ASP A 15 -19.92 16.11 32.35
CA ASP A 15 -20.93 15.53 33.24
C ASP A 15 -21.65 16.67 33.96
N LEU A 16 -22.15 17.62 33.18
CA LEU A 16 -22.81 18.80 33.70
C LEU A 16 -24.25 18.59 34.15
N ARG A 17 -24.40 17.89 35.28
CA ARG A 17 -25.72 17.60 35.83
C ARG A 17 -25.57 17.28 37.30
N LEU A 18 -26.68 17.31 38.02
CA LEU A 18 -26.70 16.95 39.43
C LEU A 18 -27.34 15.57 39.56
N HIS A 19 -28.18 15.20 38.60
CA HIS A 19 -28.85 13.91 38.65
C HIS A 19 -27.94 12.76 38.24
N ASP A 20 -28.17 11.59 38.82
CA ASP A 20 -27.36 10.39 38.55
C ASP A 20 -25.90 10.72 38.26
N HIS A 21 -25.24 11.25 39.29
CA HIS A 21 -23.84 11.66 39.20
C HIS A 21 -23.13 10.95 40.35
N GLU A 22 -22.44 9.84 40.06
CA GLU A 22 -21.78 9.08 41.11
C GLU A 22 -20.70 9.87 41.86
N PRO A 23 -19.84 10.60 41.14
CA PRO A 23 -18.81 11.37 41.85
C PRO A 23 -19.45 12.32 42.87
N LEU A 24 -20.46 13.06 42.43
CA LEU A 24 -21.14 13.97 43.32
C LEU A 24 -21.77 13.24 44.51
N HIS A 25 -22.39 12.10 44.22
CA HIS A 25 -23.02 11.30 45.27
C HIS A 25 -22.01 10.79 46.29
N ARG A 26 -20.87 10.28 45.83
CA ARG A 26 -19.85 9.78 46.75
C ARG A 26 -19.29 10.93 47.59
N ALA A 27 -19.14 12.08 46.96
CA ALA A 27 -18.62 13.27 47.64
C ALA A 27 -19.53 13.65 48.81
N LEU A 28 -20.82 13.76 48.53
CA LEU A 28 -21.75 14.15 49.59
C LEU A 28 -21.85 13.11 50.70
N LYS A 29 -21.62 11.84 50.40
CA LYS A 29 -21.65 10.79 51.42
C LYS A 29 -20.44 10.85 52.35
N SER A 30 -19.44 11.65 51.98
CA SER A 30 -18.24 11.78 52.80
C SER A 30 -18.61 12.53 54.08
N GLY A 31 -19.70 13.29 54.02
CA GLY A 31 -20.14 14.05 55.18
C GLY A 31 -19.42 15.39 55.35
N LEU A 32 -18.54 15.73 54.41
CA LEU A 32 -17.80 16.99 54.46
C LEU A 32 -18.37 18.05 53.54
N ALA A 33 -17.97 19.29 53.74
CA ALA A 33 -18.44 20.38 52.89
C ALA A 33 -17.91 20.09 51.49
N ILE A 34 -18.70 20.42 50.47
CA ILE A 34 -18.31 20.16 49.09
C ILE A 34 -18.05 21.41 48.27
N THR A 35 -17.00 21.36 47.46
CA THR A 35 -16.66 22.45 46.56
C THR A 35 -16.76 21.87 45.15
N ALA A 36 -17.44 22.58 44.25
CA ALA A 36 -17.61 22.12 42.88
C ALA A 36 -16.84 23.06 41.94
N VAL A 37 -16.17 22.49 40.94
CA VAL A 37 -15.40 23.30 40.02
C VAL A 37 -15.45 22.87 38.57
N TYR A 38 -15.54 23.85 37.68
CA TYR A 38 -15.50 23.60 36.25
C TYR A 38 -14.41 24.54 35.75
N CYS A 39 -13.49 24.00 34.95
CA CYS A 39 -12.38 24.80 34.43
C CYS A 39 -12.35 24.76 32.91
N TYR A 40 -12.62 25.89 32.27
CA TYR A 40 -12.58 25.96 30.81
C TYR A 40 -11.12 25.74 30.40
N ASP A 41 -10.92 24.75 29.55
CA ASP A 41 -9.59 24.36 29.07
C ASP A 41 -9.30 25.03 27.72
N PRO A 42 -8.35 25.98 27.70
CA PRO A 42 -8.00 26.70 26.47
C PRO A 42 -7.66 25.79 25.31
N ARG A 43 -7.10 24.62 25.59
CA ARG A 43 -6.73 23.70 24.51
C ARG A 43 -7.92 23.22 23.70
N GLN A 44 -9.11 23.25 24.31
CA GLN A 44 -10.31 22.82 23.60
C GLN A 44 -10.84 23.94 22.71
N PHE A 45 -10.23 25.11 22.82
CA PHE A 45 -10.66 26.25 22.01
C PHE A 45 -9.62 26.70 20.99
N ALA A 46 -8.64 25.84 20.74
CA ALA A 46 -7.61 26.11 19.75
C ALA A 46 -8.13 25.55 18.43
N GLN A 47 -7.34 24.79 17.70
CA GLN A 47 -7.85 24.26 16.45
C GLN A 47 -7.45 22.84 16.08
N THR A 48 -8.16 22.28 15.11
CA THR A 48 -7.88 20.93 14.62
C THR A 48 -6.74 21.06 13.63
N HIS A 49 -6.19 19.94 13.17
CA HIS A 49 -5.07 19.96 12.24
C HIS A 49 -5.30 20.79 10.98
N GLN A 50 -6.50 20.77 10.43
CA GLN A 50 -6.74 21.57 9.23
C GLN A 50 -7.16 23.01 9.52
N GLY A 51 -7.08 23.42 10.78
CA GLY A 51 -7.39 24.79 11.13
C GLY A 51 -8.75 25.15 11.71
N PHE A 52 -9.70 24.22 11.72
CA PHE A 52 -11.02 24.53 12.25
C PHE A 52 -10.97 24.75 13.76
N ALA A 53 -11.84 25.62 14.26
CA ALA A 53 -11.91 25.86 15.70
C ALA A 53 -12.22 24.50 16.34
N LYS A 54 -11.48 24.11 17.36
CA LYS A 54 -11.71 22.82 18.00
C LYS A 54 -13.12 22.73 18.55
N THR A 55 -13.63 23.84 19.06
CA THR A 55 -14.99 23.90 19.57
C THR A 55 -15.66 25.08 18.88
N GLY A 56 -16.44 24.78 17.85
CA GLY A 56 -17.14 25.81 17.09
C GLY A 56 -18.14 26.62 17.90
N PRO A 57 -18.75 27.66 17.29
CA PRO A 57 -19.72 28.52 17.96
C PRO A 57 -21.00 27.83 18.46
N TRP A 58 -21.52 26.88 17.71
CA TRP A 58 -22.75 26.20 18.13
C TRP A 58 -22.52 25.47 19.44
N ARG A 59 -21.44 24.70 19.51
CA ARG A 59 -21.15 23.95 20.71
C ARG A 59 -20.59 24.80 21.86
N SER A 60 -19.74 25.78 21.56
CA SER A 60 -19.20 26.60 22.64
C SER A 60 -20.32 27.33 23.37
N ASN A 61 -21.31 27.80 22.62
CA ASN A 61 -22.42 28.50 23.25
C ASN A 61 -23.30 27.52 24.04
N PHE A 62 -23.48 26.30 23.52
CA PHE A 62 -24.28 25.29 24.20
C PHE A 62 -23.56 24.92 25.50
N LEU A 63 -22.23 24.84 25.43
CA LEU A 63 -21.42 24.52 26.59
C LEU A 63 -21.56 25.60 27.66
N GLN A 64 -21.39 26.86 27.25
CA GLN A 64 -21.49 27.96 28.20
C GLN A 64 -22.83 27.92 28.90
N GLN A 65 -23.89 27.67 28.15
CA GLN A 65 -25.23 27.59 28.74
C GLN A 65 -25.33 26.39 29.69
N SER A 66 -24.65 25.29 29.37
CA SER A 66 -24.68 24.09 30.21
C SER A 66 -23.96 24.35 31.54
N VAL A 67 -22.81 25.03 31.46
CA VAL A 67 -22.03 25.36 32.65
C VAL A 67 -22.84 26.34 33.52
N GLN A 68 -23.47 27.31 32.86
CA GLN A 68 -24.27 28.30 33.58
C GLN A 68 -25.44 27.64 34.29
N ASN A 69 -26.10 26.69 33.63
CA ASN A 69 -27.22 25.99 34.25
C ASN A 69 -26.74 25.18 35.47
N LEU A 70 -25.56 24.57 35.35
CA LEU A 70 -25.01 23.80 36.47
C LEU A 70 -24.74 24.73 37.65
N ALA A 71 -24.22 25.92 37.37
CA ALA A 71 -23.94 26.89 38.43
C ALA A 71 -25.26 27.26 39.11
N GLU A 72 -26.33 27.35 38.34
CA GLU A 72 -27.64 27.71 38.90
C GLU A 72 -28.24 26.57 39.73
N SER A 73 -28.04 25.34 39.29
CA SER A 73 -28.57 24.20 40.02
C SER A 73 -27.85 24.07 41.36
N LEU A 74 -26.55 24.33 41.37
CA LEU A 74 -25.77 24.25 42.60
C LEU A 74 -26.11 25.38 43.55
N GLN A 75 -26.40 26.57 43.02
CA GLN A 75 -26.76 27.69 43.88
C GLN A 75 -28.09 27.34 44.56
N LYS A 76 -28.95 26.67 43.81
CA LYS A 76 -30.26 26.26 44.27
C LYS A 76 -30.20 25.29 45.46
N VAL A 77 -29.14 24.48 45.53
CA VAL A 77 -29.01 23.54 46.64
C VAL A 77 -28.08 24.08 47.74
N GLY A 78 -27.91 25.39 47.76
CA GLY A 78 -27.10 26.05 48.77
C GLY A 78 -25.59 25.99 48.61
N ASN A 79 -25.13 25.69 47.41
CA ASN A 79 -23.70 25.60 47.16
C ASN A 79 -23.37 26.54 46.01
N LYS A 80 -22.34 26.23 45.23
CA LYS A 80 -21.98 27.07 44.10
C LYS A 80 -20.99 26.39 43.19
N LEU A 81 -20.97 26.79 41.92
CA LEU A 81 -20.04 26.22 40.97
C LEU A 81 -18.90 27.22 40.78
N LEU A 82 -17.69 26.80 41.14
CA LEU A 82 -16.54 27.67 40.93
C LEU A 82 -16.19 27.55 39.47
N VAL A 83 -16.26 28.67 38.75
CA VAL A 83 -15.96 28.64 37.32
C VAL A 83 -14.65 29.37 37.06
N THR A 84 -13.72 28.70 36.38
CA THR A 84 -12.45 29.33 36.08
C THR A 84 -11.93 28.86 34.72
N THR A 85 -10.70 29.26 34.38
CA THR A 85 -10.13 28.90 33.08
C THR A 85 -8.64 28.59 33.19
N GLY A 86 -8.18 27.63 32.40
CA GLY A 86 -6.76 27.28 32.42
C GLY A 86 -6.58 25.78 32.27
N LEU A 87 -5.35 25.30 32.47
CA LEU A 87 -5.10 23.87 32.36
C LEU A 87 -5.61 23.24 33.66
N PRO A 88 -6.64 22.38 33.56
CA PRO A 88 -7.20 21.74 34.75
C PRO A 88 -6.19 21.05 35.65
N GLU A 89 -5.23 20.34 35.04
CA GLU A 89 -4.20 19.63 35.81
C GLU A 89 -3.35 20.59 36.62
N GLN A 90 -3.44 21.88 36.27
CA GLN A 90 -2.71 22.92 36.96
C GLN A 90 -3.63 23.65 37.93
N VAL A 91 -4.77 24.10 37.42
CA VAL A 91 -5.74 24.85 38.21
C VAL A 91 -6.46 24.08 39.32
N ILE A 92 -6.97 22.90 39.02
CA ILE A 92 -7.69 22.14 40.03
C ILE A 92 -6.83 21.84 41.27
N PRO A 93 -5.59 21.36 41.06
CA PRO A 93 -4.72 21.08 42.23
C PRO A 93 -4.42 22.35 43.04
N GLN A 94 -4.33 23.49 42.36
CA GLN A 94 -4.08 24.75 43.04
C GLN A 94 -5.27 25.05 43.94
N ILE A 95 -6.47 24.94 43.38
CA ILE A 95 -7.67 25.20 44.16
C ILE A 95 -7.76 24.21 45.32
N ALA A 96 -7.53 22.94 45.03
CA ALA A 96 -7.59 21.89 46.04
C ALA A 96 -6.68 22.18 47.23
N LYS A 97 -5.47 22.66 46.97
CA LYS A 97 -4.53 22.96 48.03
C LYS A 97 -5.07 24.11 48.88
N GLN A 98 -5.59 25.12 48.19
CA GLN A 98 -6.12 26.29 48.88
C GLN A 98 -7.36 26.03 49.72
N ILE A 99 -8.26 25.17 49.27
CA ILE A 99 -9.48 24.88 50.02
C ILE A 99 -9.32 23.69 50.95
N ASN A 100 -8.12 23.14 51.01
CA ASN A 100 -7.84 22.00 51.87
C ASN A 100 -8.68 20.78 51.49
N ALA A 101 -8.81 20.52 50.20
CA ALA A 101 -9.59 19.38 49.74
C ALA A 101 -8.85 18.09 50.10
N LYS A 102 -9.58 17.10 50.61
CA LYS A 102 -8.99 15.81 50.97
C LYS A 102 -9.07 14.85 49.81
N THR A 103 -10.11 15.02 48.99
CA THR A 103 -10.35 14.14 47.86
C THR A 103 -11.04 14.87 46.71
N ILE A 104 -10.69 14.46 45.50
CA ILE A 104 -11.30 15.01 44.29
C ILE A 104 -12.10 13.87 43.67
N TYR A 105 -13.38 14.12 43.40
CA TYR A 105 -14.24 13.13 42.78
C TYR A 105 -14.50 13.58 41.35
N TYR A 106 -14.40 12.66 40.39
CA TYR A 106 -14.60 13.02 38.99
C TYR A 106 -14.96 11.82 38.13
N HIS A 107 -15.40 12.09 36.91
CA HIS A 107 -15.74 11.05 35.93
C HIS A 107 -14.54 10.80 35.01
N ARG A 108 -14.28 9.52 34.73
CA ARG A 108 -13.17 9.13 33.87
C ARG A 108 -13.55 9.17 32.39
N GLU A 109 -12.60 9.54 31.55
CA GLU A 109 -12.79 9.60 30.10
C GLU A 109 -11.92 8.50 29.50
N VAL A 110 -11.99 8.32 28.19
CA VAL A 110 -11.22 7.23 27.56
C VAL A 110 -10.28 7.63 26.42
N THR A 111 -10.38 8.86 25.93
CA THR A 111 -9.53 9.29 24.83
C THR A 111 -8.29 10.08 25.27
N GLN A 112 -7.24 9.99 24.46
CA GLN A 112 -5.95 10.63 24.71
C GLN A 112 -5.94 12.01 25.35
N GLU A 113 -6.52 13.00 24.69
CA GLU A 113 -6.54 14.36 25.22
C GLU A 113 -7.12 14.41 26.63
N GLU A 114 -8.30 13.82 26.80
CA GLU A 114 -8.97 13.80 28.09
C GLU A 114 -8.22 12.96 29.13
N LEU A 115 -7.61 11.88 28.68
CA LEU A 115 -6.87 10.99 29.56
C LEU A 115 -5.63 11.68 30.13
N ASP A 116 -4.92 12.41 29.29
CA ASP A 116 -3.73 13.11 29.73
C ASP A 116 -4.05 14.16 30.79
N VAL A 117 -5.17 14.83 30.63
CA VAL A 117 -5.58 15.85 31.58
C VAL A 117 -5.79 15.24 32.97
N GLU A 118 -6.65 14.22 33.06
CA GLU A 118 -6.91 13.62 34.35
C GLU A 118 -5.68 12.95 34.94
N ARG A 119 -4.83 12.37 34.08
CA ARG A 119 -3.61 11.71 34.56
C ARG A 119 -2.63 12.71 35.18
N ASN A 120 -2.38 13.82 34.49
CA ASN A 120 -1.48 14.82 35.02
C ASN A 120 -2.10 15.50 36.24
N LEU A 121 -3.42 15.62 36.25
CA LEU A 121 -4.11 16.24 37.37
C LEU A 121 -3.90 15.39 38.62
N VAL A 122 -4.14 14.09 38.49
CA VAL A 122 -3.98 13.16 39.61
C VAL A 122 -2.53 13.13 40.11
N LYS A 123 -1.58 13.24 39.20
CA LYS A 123 -0.18 13.27 39.58
C LYS A 123 0.09 14.47 40.51
N GLN A 124 -0.50 15.62 40.19
CA GLN A 124 -0.30 16.81 41.03
C GLN A 124 -0.98 16.64 42.38
N LEU A 125 -2.15 15.99 42.37
CA LEU A 125 -2.89 15.74 43.60
C LEU A 125 -2.06 14.82 44.51
N THR A 126 -1.50 13.77 43.90
CA THR A 126 -0.70 12.81 44.65
C THR A 126 0.49 13.49 45.33
N ILE A 127 1.12 14.42 44.63
CA ILE A 127 2.26 15.16 45.19
C ILE A 127 1.81 15.95 46.43
N LEU A 128 0.58 16.45 46.40
CA LEU A 128 0.04 17.23 47.50
C LEU A 128 -0.55 16.37 48.61
N GLY A 129 -0.57 15.05 48.39
CA GLY A 129 -1.13 14.15 49.39
C GLY A 129 -2.65 14.18 49.39
N ILE A 130 -3.23 14.52 48.25
CA ILE A 130 -4.68 14.59 48.10
C ILE A 130 -5.18 13.42 47.27
N GLU A 131 -6.21 12.73 47.74
CA GLU A 131 -6.74 11.57 47.03
C GLU A 131 -7.59 11.92 45.81
N ALA A 132 -7.64 11.01 44.86
CA ALA A 132 -8.42 11.19 43.64
C ALA A 132 -9.27 9.95 43.39
N LYS A 133 -10.59 10.13 43.26
CA LYS A 133 -11.50 9.02 43.01
C LYS A 133 -12.25 9.22 41.71
N GLY A 134 -11.94 8.37 40.73
CA GLY A 134 -12.58 8.47 39.43
C GLY A 134 -13.64 7.41 39.22
N TYR A 135 -14.72 7.78 38.52
CA TYR A 135 -15.82 6.86 38.27
C TYR A 135 -16.22 6.79 36.81
N TRP A 136 -16.80 5.65 36.41
CA TRP A 136 -17.28 5.45 35.05
C TRP A 136 -18.77 5.73 35.04
N GLY A 137 -19.19 6.81 34.38
CA GLY A 137 -20.60 7.12 34.35
C GLY A 137 -21.11 7.70 33.04
N SER A 138 -20.30 7.57 31.99
CA SER A 138 -20.65 8.08 30.67
C SER A 138 -21.47 7.08 29.86
N THR A 139 -21.30 5.80 30.18
CA THR A 139 -21.99 4.75 29.45
C THR A 139 -23.23 4.18 30.12
N LEU A 140 -24.14 3.69 29.29
CA LEU A 140 -25.36 3.08 29.78
C LEU A 140 -24.92 1.85 30.59
N CYS A 141 -24.05 1.04 29.98
CA CYS A 141 -23.53 -0.16 30.62
C CYS A 141 -22.20 0.14 31.30
N HIS A 142 -22.10 -0.19 32.58
CA HIS A 142 -20.88 0.06 33.34
C HIS A 142 -19.79 -0.89 32.86
N PRO A 143 -18.57 -0.37 32.63
CA PRO A 143 -17.45 -1.19 32.15
C PRO A 143 -17.23 -2.43 33.00
N GLU A 144 -17.46 -2.29 34.31
CA GLU A 144 -17.29 -3.39 35.25
C GLU A 144 -18.39 -4.45 35.20
N ASP A 145 -19.50 -4.13 34.53
CA ASP A 145 -20.61 -5.08 34.43
C ASP A 145 -20.63 -5.80 33.09
N LEU A 146 -19.69 -5.48 32.22
CA LEU A 146 -19.60 -6.11 30.90
C LEU A 146 -19.21 -7.58 31.02
N PRO A 147 -19.70 -8.42 30.11
CA PRO A 147 -19.38 -9.86 30.12
C PRO A 147 -17.98 -10.13 29.57
N PHE A 148 -17.24 -9.05 29.32
CA PHE A 148 -15.89 -9.15 28.79
C PHE A 148 -15.05 -7.93 29.11
N SER A 149 -13.73 -8.07 29.02
CA SER A 149 -12.83 -6.96 29.28
C SER A 149 -12.84 -6.05 28.05
N ILE A 150 -12.43 -4.80 28.22
CA ILE A 150 -12.41 -3.86 27.11
C ILE A 150 -11.53 -4.41 25.99
N GLN A 151 -10.39 -4.99 26.36
CA GLN A 151 -9.48 -5.58 25.40
C GLN A 151 -10.20 -6.67 24.59
N ASP A 152 -11.15 -7.34 25.23
CA ASP A 152 -11.90 -8.41 24.59
C ASP A 152 -13.23 -7.95 23.99
N LEU A 153 -13.39 -6.65 23.83
CA LEU A 153 -14.62 -6.11 23.25
C LEU A 153 -14.78 -6.70 21.85
N PRO A 154 -15.96 -7.27 21.55
CA PRO A 154 -16.13 -7.83 20.21
C PRO A 154 -16.07 -6.72 19.16
N ASP A 155 -15.63 -7.05 17.96
CA ASP A 155 -15.51 -6.05 16.90
C ASP A 155 -16.81 -5.81 16.13
N LEU A 156 -17.80 -6.67 16.35
CA LEU A 156 -19.08 -6.54 15.68
C LEU A 156 -20.13 -6.05 16.68
N PHE A 157 -20.73 -4.90 16.41
CA PHE A 157 -21.74 -4.35 17.30
C PHE A 157 -22.80 -5.38 17.65
N THR A 158 -23.29 -6.08 16.62
CA THR A 158 -24.31 -7.09 16.83
C THR A 158 -23.92 -8.08 17.92
N LYS A 159 -22.69 -8.58 17.87
CA LYS A 159 -22.23 -9.53 18.86
C LYS A 159 -22.17 -8.86 20.23
N PHE A 160 -21.68 -7.63 20.26
CA PHE A 160 -21.59 -6.86 21.48
C PHE A 160 -22.99 -6.76 22.10
N ARG A 161 -23.92 -6.30 21.27
CA ARG A 161 -25.31 -6.13 21.70
C ARG A 161 -25.92 -7.45 22.15
N LYS A 162 -25.77 -8.50 21.35
CA LYS A 162 -26.32 -9.80 21.70
C LYS A 162 -25.69 -10.34 22.99
N ASP A 163 -24.37 -10.22 23.10
CA ASP A 163 -23.66 -10.70 24.29
C ASP A 163 -24.11 -10.05 25.60
N ILE A 164 -24.32 -8.73 25.58
CA ILE A 164 -24.75 -8.04 26.79
C ILE A 164 -26.19 -8.35 27.17
N GLU A 165 -27.08 -8.37 26.19
CA GLU A 165 -28.49 -8.66 26.44
C GLU A 165 -28.68 -10.14 26.76
N LYS A 166 -28.01 -11.00 26.00
CA LYS A 166 -28.11 -12.44 26.21
C LYS A 166 -27.17 -12.80 27.36
N LYS A 167 -27.21 -11.97 28.40
CA LYS A 167 -26.40 -12.15 29.60
C LYS A 167 -27.05 -11.37 30.73
N LYS A 168 -28.10 -10.62 30.39
CA LYS A 168 -28.85 -9.81 31.36
C LYS A 168 -27.92 -9.01 32.27
N ILE A 169 -27.06 -8.20 31.65
CA ILE A 169 -26.09 -7.38 32.36
C ILE A 169 -26.70 -6.50 33.45
N SER A 170 -27.90 -5.97 33.19
CA SER A 170 -28.59 -5.11 34.13
C SER A 170 -27.98 -3.70 34.18
N ILE A 171 -28.84 -2.69 34.21
CA ILE A 171 -28.39 -1.31 34.26
C ILE A 171 -28.42 -0.79 35.69
N ARG A 172 -27.33 -0.15 36.10
CA ARG A 172 -27.27 0.37 37.46
C ARG A 172 -28.30 1.46 37.66
N PRO A 173 -28.98 1.45 38.82
CA PRO A 173 -30.01 2.45 39.11
C PRO A 173 -29.37 3.84 39.22
N CYS A 174 -30.18 4.86 38.95
CA CYS A 174 -29.70 6.24 39.00
C CYS A 174 -29.54 6.78 40.42
N PHE A 175 -28.48 7.55 40.64
CA PHE A 175 -28.28 8.15 41.94
C PHE A 175 -29.22 9.34 41.93
N PHE A 176 -29.71 9.73 43.10
CA PHE A 176 -30.62 10.85 43.18
C PHE A 176 -29.87 12.18 43.18
N ALA A 177 -30.50 13.21 42.63
CA ALA A 177 -29.90 14.53 42.62
C ALA A 177 -30.06 15.00 44.06
N PRO A 178 -29.03 15.63 44.63
CA PRO A 178 -29.11 16.12 46.01
C PRO A 178 -29.97 17.39 46.08
N SER A 179 -30.65 17.60 47.21
CA SER A 179 -31.49 18.78 47.39
C SER A 179 -30.71 19.85 48.14
N GLN A 180 -29.63 19.43 48.81
CA GLN A 180 -28.80 20.36 49.55
C GLN A 180 -27.36 19.85 49.59
N LEU A 181 -26.40 20.77 49.43
CA LEU A 181 -25.00 20.41 49.45
C LEU A 181 -24.25 21.43 50.30
N LEU A 182 -23.79 21.01 51.48
CA LEU A 182 -23.06 21.89 52.39
C LEU A 182 -21.84 22.50 51.71
N PRO A 183 -21.74 23.84 51.71
CA PRO A 183 -20.60 24.53 51.10
C PRO A 183 -19.54 24.79 52.16
N SER A 184 -18.29 24.95 51.75
CA SER A 184 -17.23 25.23 52.70
C SER A 184 -17.32 26.72 53.03
N PRO A 185 -16.66 27.17 54.11
CA PRO A 185 -16.73 28.59 54.42
C PRO A 185 -16.12 29.37 53.25
N ASN A 186 -16.54 30.61 53.08
CA ASN A 186 -16.01 31.42 51.98
C ASN A 186 -14.50 31.49 52.03
N ILE A 187 -13.87 31.32 50.87
CA ILE A 187 -12.42 31.38 50.76
C ILE A 187 -12.08 32.16 49.50
N LYS A 188 -11.16 33.10 49.62
CA LYS A 188 -10.77 33.90 48.46
C LYS A 188 -9.89 33.09 47.53
N LEU A 189 -10.36 32.88 46.31
CA LEU A 189 -9.64 32.14 45.30
C LEU A 189 -9.54 33.01 44.06
N GLU A 190 -8.46 32.90 43.33
CA GLU A 190 -8.30 33.67 42.11
C GLU A 190 -8.94 32.85 41.00
N LEU A 191 -10.11 33.29 40.54
CA LEU A 191 -10.80 32.58 39.46
C LEU A 191 -10.81 33.47 38.22
N THR A 192 -10.53 32.87 37.08
CA THR A 192 -10.50 33.61 35.81
C THR A 192 -11.71 33.23 34.98
N ALA A 193 -12.59 34.20 34.71
CA ALA A 193 -13.76 33.94 33.89
C ALA A 193 -13.24 33.62 32.49
N PRO A 194 -13.92 32.71 31.77
CA PRO A 194 -13.43 32.38 30.43
C PRO A 194 -13.51 33.59 29.49
N PRO A 195 -12.52 33.72 28.59
CA PRO A 195 -12.51 34.84 27.64
C PRO A 195 -13.74 34.84 26.73
N PRO A 196 -14.32 36.01 26.48
CA PRO A 196 -15.51 36.12 25.63
C PRO A 196 -15.30 35.51 24.25
N GLU A 197 -14.08 35.59 23.73
CA GLU A 197 -13.79 35.06 22.41
C GLU A 197 -14.03 33.56 22.27
N PHE A 198 -14.12 32.86 23.40
CA PHE A 198 -14.39 31.42 23.37
C PHE A 198 -15.82 31.18 22.91
N PHE A 199 -16.66 32.20 23.04
CA PHE A 199 -18.07 32.07 22.67
C PHE A 199 -18.53 33.14 21.69
N PRO A 200 -18.12 33.04 20.42
CA PRO A 200 -18.53 34.03 19.41
C PRO A 200 -20.05 34.11 19.26
N GLN A 201 -20.55 35.31 19.01
CA GLN A 201 -21.99 35.53 18.86
C GLN A 201 -22.57 34.60 17.80
N ILE A 202 -23.74 34.05 18.09
CA ILE A 202 -24.41 33.14 17.19
C ILE A 202 -25.67 33.74 16.56
N ASN A 203 -25.90 33.43 15.29
CA ASN A 203 -27.07 33.91 14.59
C ASN A 203 -28.02 32.72 14.41
N PHE A 204 -28.96 32.58 15.32
CA PHE A 204 -29.89 31.47 15.27
C PHE A 204 -30.72 31.43 13.99
N ASP A 205 -30.83 30.25 13.39
CA ASP A 205 -31.61 30.07 12.18
C ASP A 205 -32.85 29.28 12.58
N HIS A 206 -34.02 29.89 12.36
CA HIS A 206 -35.27 29.24 12.74
C HIS A 206 -35.61 27.96 12.00
N ARG A 207 -34.79 27.59 11.02
CA ARG A 207 -35.02 26.35 10.28
C ARG A 207 -34.40 25.20 11.07
N SER A 208 -33.68 25.55 12.13
CA SER A 208 -33.04 24.57 13.00
C SER A 208 -34.08 23.58 13.53
N VAL A 209 -33.68 22.32 13.71
CA VAL A 209 -34.62 21.33 14.22
C VAL A 209 -35.09 21.71 15.61
N LEU A 210 -34.23 22.43 16.33
CA LEU A 210 -34.57 22.82 17.69
C LEU A 210 -33.78 24.05 18.14
N ALA A 211 -34.36 24.83 19.03
CA ALA A 211 -33.67 26.00 19.57
C ALA A 211 -32.91 25.43 20.77
N PHE A 212 -31.83 24.71 20.47
CA PHE A 212 -31.02 24.06 21.50
C PHE A 212 -30.59 24.98 22.62
N GLN A 213 -30.87 24.58 23.86
CA GLN A 213 -30.48 25.34 25.03
C GLN A 213 -29.65 24.40 25.90
N GLY A 214 -28.39 24.77 26.15
CA GLY A 214 -27.54 23.91 26.95
C GLY A 214 -28.00 23.77 28.39
N GLY A 215 -27.57 22.70 29.05
CA GLY A 215 -27.94 22.52 30.45
C GLY A 215 -28.85 21.36 30.80
N GLU A 216 -28.70 20.89 32.04
CA GLU A 216 -29.50 19.78 32.56
C GLU A 216 -30.99 20.13 32.56
N THR A 217 -31.32 21.35 32.93
CA THR A 217 -32.73 21.74 32.97
C THR A 217 -33.37 21.62 31.59
N ALA A 218 -32.70 22.13 30.56
CA ALA A 218 -33.22 22.07 29.20
C ALA A 218 -33.24 20.62 28.69
N GLY A 219 -32.26 19.84 29.12
CA GLY A 219 -32.18 18.45 28.69
C GLY A 219 -33.34 17.65 29.26
N LEU A 220 -33.60 17.83 30.55
CA LEU A 220 -34.69 17.14 31.21
C LEU A 220 -36.02 17.55 30.58
N ALA A 221 -36.15 18.83 30.26
CA ALA A 221 -37.37 19.35 29.63
C ALA A 221 -37.58 18.72 28.24
N ARG A 222 -36.51 18.55 27.50
CA ARG A 222 -36.63 17.96 26.17
C ARG A 222 -37.10 16.51 26.28
N LEU A 223 -36.54 15.77 27.24
CA LEU A 223 -36.95 14.38 27.40
C LEU A 223 -38.42 14.38 27.80
N GLN A 224 -38.80 15.29 28.68
CA GLN A 224 -40.18 15.40 29.12
C GLN A 224 -41.11 15.63 27.94
N ASP A 225 -40.70 16.49 27.03
CA ASP A 225 -41.51 16.80 25.86
C ASP A 225 -41.57 15.66 24.85
N TYR A 226 -40.42 15.12 24.49
CA TYR A 226 -40.36 14.03 23.51
C TYR A 226 -41.04 12.75 24.00
N PHE A 227 -40.79 12.39 25.25
CA PHE A 227 -41.37 11.17 25.83
C PHE A 227 -42.82 11.32 26.28
N TRP A 228 -43.03 12.17 27.28
CA TRP A 228 -44.33 12.34 27.89
C TRP A 228 -45.31 13.34 27.27
N HIS A 229 -44.96 14.62 27.27
CA HIS A 229 -45.85 15.63 26.71
C HIS A 229 -46.25 15.30 25.28
N GLY A 230 -45.26 15.09 24.42
CA GLY A 230 -45.53 14.79 23.03
C GLY A 230 -45.88 13.34 22.76
N ASP A 231 -45.51 12.45 23.68
CA ASP A 231 -45.79 11.02 23.54
C ASP A 231 -45.39 10.50 22.16
N ARG A 232 -44.17 10.81 21.73
CA ARG A 232 -43.71 10.36 20.42
C ARG A 232 -42.69 9.23 20.42
N LEU A 233 -42.25 8.81 21.59
CA LEU A 233 -41.27 7.74 21.68
C LEU A 233 -41.83 6.48 21.03
N LYS A 234 -43.14 6.27 21.18
CA LYS A 234 -43.81 5.10 20.62
C LYS A 234 -43.61 4.99 19.10
N ASP A 235 -43.34 6.12 18.45
CA ASP A 235 -43.16 6.14 17.00
C ASP A 235 -41.71 6.37 16.54
N TYR A 236 -40.78 6.32 17.49
CA TYR A 236 -39.37 6.54 17.19
C TYR A 236 -38.81 5.71 16.03
N LYS A 237 -39.04 4.41 16.05
CA LYS A 237 -38.52 3.55 14.99
C LYS A 237 -38.97 3.99 13.59
N GLU A 238 -40.22 4.45 13.49
CA GLU A 238 -40.76 4.88 12.20
C GLU A 238 -40.27 6.25 11.73
N THR A 239 -39.92 7.13 12.68
CA THR A 239 -39.48 8.47 12.32
C THR A 239 -37.98 8.75 12.42
N ARG A 240 -37.22 7.84 13.03
CA ARG A 240 -35.80 8.06 13.23
C ARG A 240 -34.91 8.38 12.04
N ASN A 241 -35.36 8.05 10.82
CA ASN A 241 -34.56 8.36 9.64
C ASN A 241 -35.02 9.64 8.97
N GLY A 242 -35.82 10.41 9.69
CA GLY A 242 -36.31 11.68 9.17
C GLY A 242 -35.22 12.73 9.22
N MET A 243 -35.48 13.88 8.61
CA MET A 243 -34.50 14.95 8.57
C MET A 243 -35.12 16.31 8.89
N VAL A 244 -36.44 16.40 8.81
CA VAL A 244 -37.13 17.66 9.08
C VAL A 244 -37.84 17.69 10.43
N GLY A 245 -37.63 18.77 11.19
CA GLY A 245 -38.29 18.92 12.47
C GLY A 245 -37.58 18.42 13.70
N ALA A 246 -38.09 18.86 14.85
CA ALA A 246 -37.52 18.50 16.14
C ALA A 246 -37.90 17.11 16.61
N ASP A 247 -39.08 16.63 16.22
CA ASP A 247 -39.54 15.35 16.72
C ASP A 247 -39.37 14.02 15.99
N TYR A 248 -38.59 13.99 14.91
CA TYR A 248 -38.41 12.70 14.22
C TYR A 248 -37.47 11.82 15.06
N SER A 249 -36.77 12.42 16.01
CA SER A 249 -35.86 11.70 16.90
C SER A 249 -35.79 12.44 18.23
N SER A 250 -35.09 11.87 19.21
CA SER A 250 -35.02 12.49 20.53
C SER A 250 -34.30 13.83 20.60
N LYS A 251 -33.23 13.98 19.83
CA LYS A 251 -32.42 15.20 19.83
C LYS A 251 -31.70 15.30 21.18
N PHE A 252 -31.55 14.16 21.85
CA PHE A 252 -30.86 14.11 23.15
C PHE A 252 -29.35 14.27 23.04
N SER A 253 -28.80 14.00 21.86
CA SER A 253 -27.35 14.03 21.64
C SER A 253 -26.48 15.13 22.26
N PRO A 254 -26.84 16.42 22.10
CA PRO A 254 -25.96 17.42 22.72
C PRO A 254 -25.95 17.35 24.24
N TRP A 255 -27.08 17.02 24.83
CA TRP A 255 -27.17 16.91 26.28
C TRP A 255 -26.44 15.65 26.75
N LEU A 256 -26.50 14.58 25.97
CA LEU A 256 -25.79 13.37 26.35
C LEU A 256 -24.28 13.60 26.21
N ALA A 257 -23.88 14.35 25.19
CA ALA A 257 -22.46 14.62 24.95
C ALA A 257 -21.77 15.39 26.09
N LEU A 258 -22.48 16.33 26.71
CA LEU A 258 -21.92 17.09 27.82
C LEU A 258 -22.36 16.53 29.17
N GLY A 259 -23.07 15.40 29.14
CA GLY A 259 -23.51 14.79 30.38
C GLY A 259 -24.61 15.53 31.09
N CYS A 260 -25.36 16.36 30.36
CA CYS A 260 -26.47 17.11 30.94
C CYS A 260 -27.60 16.13 31.19
N LEU A 261 -27.55 15.00 30.50
CA LEU A 261 -28.51 13.91 30.65
C LEU A 261 -27.75 12.59 30.80
N SER A 262 -28.07 11.83 31.84
CA SER A 262 -27.43 10.54 32.05
C SER A 262 -28.12 9.51 31.15
N PRO A 263 -27.35 8.65 30.48
CA PRO A 263 -27.98 7.65 29.62
C PRO A 263 -28.79 6.64 30.44
N ARG A 264 -28.43 6.48 31.70
CA ARG A 264 -29.13 5.55 32.57
C ARG A 264 -30.47 6.17 33.00
N PHE A 265 -30.51 7.49 33.09
CA PHE A 265 -31.75 8.16 33.46
C PHE A 265 -32.71 8.02 32.29
N ILE A 266 -32.20 8.21 31.08
CA ILE A 266 -33.00 8.08 29.88
C ILE A 266 -33.55 6.66 29.82
N TYR A 267 -32.69 5.68 30.09
CA TYR A 267 -33.08 4.28 30.07
C TYR A 267 -34.20 4.07 31.08
N GLN A 268 -34.03 4.64 32.27
CA GLN A 268 -35.01 4.56 33.34
C GLN A 268 -36.36 5.06 32.83
N GLU A 269 -36.35 6.23 32.18
CA GLU A 269 -37.56 6.82 31.65
C GLU A 269 -38.20 5.99 30.53
N VAL A 270 -37.36 5.37 29.70
CA VAL A 270 -37.87 4.53 28.62
C VAL A 270 -38.65 3.38 29.25
N LYS A 271 -38.12 2.84 30.35
CA LYS A 271 -38.79 1.74 31.03
C LYS A 271 -40.09 2.20 31.68
N ARG A 272 -40.12 3.44 32.16
CA ARG A 272 -41.34 3.98 32.76
C ARG A 272 -42.39 4.10 31.66
N TYR A 273 -41.97 4.61 30.52
CA TYR A 273 -42.85 4.79 29.37
C TYR A 273 -43.41 3.44 28.93
N GLU A 274 -42.54 2.44 28.86
CA GLU A 274 -42.95 1.10 28.44
C GLU A 274 -43.99 0.49 29.38
N GLN A 275 -43.89 0.84 30.66
CA GLN A 275 -44.82 0.32 31.66
C GLN A 275 -46.11 1.12 31.76
N GLU A 276 -46.01 2.42 31.47
CA GLU A 276 -47.18 3.29 31.57
C GLU A 276 -47.93 3.56 30.28
N ARG A 277 -47.23 3.56 29.14
CA ARG A 277 -47.90 3.85 27.88
C ARG A 277 -47.86 2.74 26.84
N VAL A 278 -46.66 2.32 26.45
CA VAL A 278 -46.56 1.26 25.46
C VAL A 278 -45.14 0.75 25.30
N SER A 279 -45.01 -0.55 25.06
CA SER A 279 -43.73 -1.19 24.86
C SER A 279 -43.76 -1.83 23.47
N ASN A 280 -42.94 -1.30 22.57
CA ASN A 280 -42.88 -1.81 21.21
C ASN A 280 -41.48 -1.68 20.62
N ASP A 281 -41.34 -1.93 19.32
CA ASP A 281 -40.04 -1.84 18.68
C ASP A 281 -39.40 -0.46 18.84
N SER A 282 -40.22 0.60 18.84
CA SER A 282 -39.69 1.95 19.00
C SER A 282 -39.02 2.16 20.35
N THR A 283 -39.69 1.77 21.43
CA THR A 283 -39.13 1.93 22.77
C THR A 283 -37.83 1.14 22.93
N HIS A 284 -37.77 -0.02 22.29
CA HIS A 284 -36.59 -0.87 22.37
C HIS A 284 -35.49 -0.32 21.46
N TRP A 285 -35.88 0.23 20.31
CA TRP A 285 -34.91 0.76 19.37
C TRP A 285 -34.11 1.95 19.91
N LEU A 286 -34.75 2.80 20.72
CA LEU A 286 -34.02 3.94 21.25
C LEU A 286 -32.89 3.42 22.14
N ILE A 287 -33.16 2.32 22.85
CA ILE A 287 -32.16 1.74 23.72
C ILE A 287 -31.01 1.20 22.86
N PHE A 288 -31.33 0.66 21.69
CA PHE A 288 -30.32 0.13 20.77
C PHE A 288 -29.36 1.23 20.37
N GLU A 289 -29.90 2.43 20.16
CA GLU A 289 -29.06 3.55 19.76
C GLU A 289 -28.14 3.97 20.89
N LEU A 290 -28.61 3.89 22.13
CA LEU A 290 -27.78 4.24 23.28
C LEU A 290 -26.65 3.22 23.36
N LEU A 291 -26.93 1.99 22.93
CA LEU A 291 -25.94 0.93 22.95
C LEU A 291 -24.85 1.19 21.92
N TRP A 292 -25.22 1.76 20.77
CA TRP A 292 -24.25 2.10 19.73
C TRP A 292 -23.31 3.14 20.35
N ARG A 293 -23.87 4.03 21.15
CA ARG A 293 -23.09 5.07 21.82
C ARG A 293 -22.07 4.41 22.75
N ASP A 294 -22.53 3.45 23.55
CA ASP A 294 -21.67 2.72 24.48
C ASP A 294 -20.56 2.03 23.68
N PHE A 295 -20.97 1.33 22.64
CA PHE A 295 -20.04 0.59 21.79
C PHE A 295 -18.86 1.42 21.30
N PHE A 296 -19.15 2.58 20.71
CA PHE A 296 -18.08 3.43 20.21
C PHE A 296 -17.18 3.92 21.34
N ARG A 297 -17.74 4.11 22.53
CA ARG A 297 -16.93 4.54 23.68
C ARG A 297 -15.93 3.44 24.03
N PHE A 298 -16.41 2.19 24.05
CA PHE A 298 -15.54 1.06 24.37
C PHE A 298 -14.53 0.80 23.27
N VAL A 299 -14.94 1.05 22.03
CA VAL A 299 -14.04 0.86 20.90
C VAL A 299 -12.88 1.87 21.02
N ALA A 300 -13.23 3.11 21.33
CA ALA A 300 -12.23 4.17 21.48
C ALA A 300 -11.28 3.81 22.61
N GLN A 301 -11.85 3.25 23.68
CA GLN A 301 -11.04 2.87 24.82
C GLN A 301 -10.10 1.73 24.45
N LYS A 302 -10.61 0.76 23.71
CA LYS A 302 -9.82 -0.39 23.30
C LYS A 302 -8.74 -0.06 22.28
N TYR A 303 -9.07 0.73 21.27
CA TYR A 303 -8.12 1.04 20.22
C TYR A 303 -7.25 2.27 20.38
N GLY A 304 -7.57 3.12 21.35
CA GLY A 304 -6.78 4.31 21.57
C GLY A 304 -6.61 5.20 20.35
N ASN A 305 -5.41 5.73 20.17
CA ASN A 305 -5.09 6.64 19.08
C ASN A 305 -5.24 6.11 17.66
N LYS A 306 -5.45 4.81 17.51
CA LYS A 306 -5.62 4.24 16.19
C LYS A 306 -6.89 4.84 15.58
N LEU A 307 -7.80 5.24 16.46
CA LEU A 307 -9.07 5.83 16.06
C LEU A 307 -8.88 7.08 15.21
N PHE A 308 -7.77 7.78 15.44
CA PHE A 308 -7.51 9.02 14.72
C PHE A 308 -6.46 8.89 13.60
N ASN A 309 -5.89 7.70 13.45
CA ASN A 309 -4.89 7.49 12.42
C ASN A 309 -5.48 7.41 11.01
N ARG A 310 -4.64 7.71 10.03
CA ARG A 310 -5.03 7.69 8.63
C ARG A 310 -5.69 6.34 8.30
N GLY A 311 -5.11 5.26 8.81
CA GLY A 311 -5.65 3.93 8.57
C GLY A 311 -6.72 3.47 9.53
N GLY A 312 -7.10 4.35 10.46
CA GLY A 312 -8.14 4.03 11.41
C GLY A 312 -7.93 2.80 12.27
N LEU A 313 -9.05 2.24 12.74
CA LEU A 313 -9.03 1.07 13.60
C LEU A 313 -8.36 -0.15 12.95
N LEU A 314 -8.75 -0.45 11.71
CA LEU A 314 -8.19 -1.59 10.99
C LEU A 314 -6.79 -1.33 10.46
N ASN A 315 -6.27 -0.14 10.72
CA ASN A 315 -4.96 0.24 10.25
C ASN A 315 -4.84 -0.07 8.76
N LYS A 316 -5.81 0.40 7.99
CA LYS A 316 -5.82 0.18 6.56
C LYS A 316 -5.52 1.47 5.80
N ASN A 317 -4.33 1.49 5.20
CA ASN A 317 -3.82 2.61 4.42
C ASN A 317 -4.84 3.40 3.60
N PHE A 318 -5.04 2.99 2.35
CA PHE A 318 -5.96 3.66 1.44
C PHE A 318 -5.42 5.02 1.03
N PRO A 319 -5.38 5.30 -0.28
CA PRO A 319 -4.87 6.62 -0.67
C PRO A 319 -6.03 7.60 -0.48
N TRP A 320 -5.73 8.86 -0.20
CA TRP A 320 -6.77 9.86 -0.02
C TRP A 320 -6.34 11.16 -0.67
N GLN A 321 -7.31 11.86 -1.29
CA GLN A 321 -7.02 13.13 -1.94
C GLN A 321 -7.01 14.26 -0.92
N GLU A 322 -6.18 15.27 -1.18
CA GLU A 322 -6.10 16.44 -0.32
C GLU A 322 -6.55 17.64 -1.13
N ASP A 323 -7.67 17.50 -1.81
CA ASP A 323 -8.22 18.56 -2.65
C ASP A 323 -9.00 19.54 -1.77
N GLN A 324 -8.39 20.68 -1.48
CA GLN A 324 -8.99 21.69 -0.63
C GLN A 324 -10.21 22.34 -1.28
N VAL A 325 -10.16 22.55 -2.60
CA VAL A 325 -11.27 23.17 -3.31
C VAL A 325 -12.49 22.26 -3.24
N ARG A 326 -12.32 20.99 -3.61
CA ARG A 326 -13.40 20.01 -3.56
C ARG A 326 -13.90 19.84 -2.14
N PHE A 327 -13.00 19.91 -1.16
CA PHE A 327 -13.42 19.75 0.22
C PHE A 327 -14.31 20.92 0.64
N GLU A 328 -13.97 22.13 0.20
CA GLU A 328 -14.77 23.30 0.56
C GLU A 328 -16.15 23.22 -0.10
N LEU A 329 -16.20 22.59 -1.28
CA LEU A 329 -17.47 22.39 -1.98
C LEU A 329 -18.36 21.54 -1.07
N TRP A 330 -17.74 20.54 -0.44
CA TRP A 330 -18.46 19.64 0.46
C TRP A 330 -18.86 20.38 1.73
N ARG A 331 -17.88 20.99 2.39
CA ARG A 331 -18.13 21.70 3.64
C ARG A 331 -19.17 22.80 3.52
N SER A 332 -19.12 23.56 2.43
CA SER A 332 -20.05 24.67 2.23
C SER A 332 -21.38 24.22 1.64
N GLY A 333 -21.48 22.95 1.26
CA GLY A 333 -22.71 22.47 0.68
C GLY A 333 -22.97 23.05 -0.72
N GLN A 334 -21.98 22.96 -1.58
CA GLN A 334 -22.11 23.44 -2.96
C GLN A 334 -21.60 22.35 -3.91
N THR A 335 -21.94 21.11 -3.57
CA THR A 335 -21.53 19.94 -4.34
C THR A 335 -22.42 19.67 -5.54
N GLY A 336 -23.61 20.28 -5.55
CA GLY A 336 -24.52 20.05 -6.67
C GLY A 336 -25.45 18.87 -6.41
N TYR A 337 -25.25 18.20 -5.29
CA TYR A 337 -26.10 17.07 -4.89
C TYR A 337 -26.94 17.64 -3.74
N PRO A 338 -28.22 17.94 -4.00
CA PRO A 338 -29.14 18.50 -3.01
C PRO A 338 -29.16 17.87 -1.62
N LEU A 339 -29.23 16.54 -1.54
CA LEU A 339 -29.26 15.89 -0.22
C LEU A 339 -28.00 16.22 0.57
N VAL A 340 -26.85 16.24 -0.11
CA VAL A 340 -25.62 16.54 0.59
C VAL A 340 -25.53 18.02 0.95
N ASP A 341 -25.88 18.88 0.00
CA ASP A 341 -25.81 20.32 0.24
C ASP A 341 -26.77 20.81 1.32
N ALA A 342 -27.99 20.28 1.33
CA ALA A 342 -28.96 20.68 2.33
C ALA A 342 -28.45 20.29 3.71
N ASN A 343 -27.92 19.06 3.82
CA ASN A 343 -27.40 18.58 5.09
C ASN A 343 -26.20 19.36 5.57
N MET A 344 -25.27 19.67 4.67
CA MET A 344 -24.08 20.41 5.07
C MET A 344 -24.43 21.85 5.47
N ARG A 345 -25.43 22.44 4.82
CA ARG A 345 -25.82 23.80 5.17
C ARG A 345 -26.53 23.79 6.51
N GLU A 346 -27.34 22.76 6.75
CA GLU A 346 -28.02 22.66 8.05
C GLU A 346 -26.98 22.62 9.16
N LEU A 347 -25.93 21.84 8.95
CA LEU A 347 -24.86 21.73 9.94
C LEU A 347 -24.16 23.07 10.14
N ASN A 348 -23.78 23.69 9.03
CA ASN A 348 -23.09 24.97 9.07
C ASN A 348 -23.91 26.05 9.77
N LEU A 349 -25.23 26.02 9.57
CA LEU A 349 -26.11 27.03 10.14
C LEU A 349 -26.81 26.71 11.46
N THR A 350 -26.69 25.47 11.95
CA THR A 350 -27.38 25.12 13.19
C THR A 350 -26.54 24.26 14.16
N GLY A 351 -25.50 23.62 13.65
CA GLY A 351 -24.67 22.78 14.49
C GLY A 351 -25.23 21.36 14.59
N PHE A 352 -26.31 21.09 13.87
CA PHE A 352 -26.92 19.78 13.93
C PHE A 352 -27.22 19.19 12.56
N MET A 353 -27.22 17.87 12.49
CA MET A 353 -27.52 17.14 11.27
C MET A 353 -28.13 15.81 11.70
N SER A 354 -29.12 15.34 10.95
CA SER A 354 -29.76 14.07 11.28
C SER A 354 -28.77 12.93 11.07
N ASN A 355 -29.05 11.78 11.69
CA ASN A 355 -28.18 10.63 11.53
C ASN A 355 -28.18 10.17 10.08
N ARG A 356 -29.36 10.16 9.46
CA ARG A 356 -29.46 9.75 8.06
C ARG A 356 -28.61 10.69 7.20
N GLY A 357 -28.63 11.97 7.52
CA GLY A 357 -27.83 12.93 6.77
C GLY A 357 -26.34 12.72 6.99
N ARG A 358 -25.94 12.50 8.23
CA ARG A 358 -24.53 12.29 8.55
C ARG A 358 -23.95 11.11 7.79
N GLN A 359 -24.72 10.03 7.72
CA GLN A 359 -24.27 8.84 7.00
C GLN A 359 -24.04 9.14 5.52
N ASN A 360 -24.95 9.91 4.92
CA ASN A 360 -24.82 10.25 3.51
C ASN A 360 -23.69 11.23 3.19
N VAL A 361 -23.57 12.31 3.95
CA VAL A 361 -22.51 13.28 3.66
C VAL A 361 -21.12 12.70 3.92
N ALA A 362 -21.00 11.85 4.93
CA ALA A 362 -19.72 11.21 5.25
C ALA A 362 -19.33 10.27 4.11
N SER A 363 -20.31 9.52 3.62
CA SER A 363 -20.07 8.59 2.52
C SER A 363 -19.70 9.37 1.26
N PHE A 364 -20.39 10.49 1.02
CA PHE A 364 -20.11 11.28 -0.17
C PHE A 364 -18.66 11.78 -0.15
N LEU A 365 -18.19 12.22 1.00
CA LEU A 365 -16.81 12.71 1.10
C LEU A 365 -15.79 11.61 0.86
N CYS A 366 -15.98 10.47 1.54
CA CYS A 366 -15.06 9.36 1.42
C CYS A 366 -15.11 8.59 0.11
N LYS A 367 -16.31 8.20 -0.28
CA LYS A 367 -16.50 7.41 -1.48
C LYS A 367 -16.60 8.16 -2.79
N ASN A 368 -17.29 9.30 -2.78
CA ASN A 368 -17.44 10.06 -4.02
C ASN A 368 -16.34 11.05 -4.29
N LEU A 369 -15.91 11.78 -3.27
CA LEU A 369 -14.84 12.74 -3.45
C LEU A 369 -13.47 12.10 -3.19
N GLY A 370 -13.46 11.02 -2.41
CA GLY A 370 -12.21 10.34 -2.09
C GLY A 370 -11.23 11.22 -1.35
N ILE A 371 -11.75 12.14 -0.55
CA ILE A 371 -10.92 13.07 0.21
C ILE A 371 -10.66 12.59 1.64
N ASP A 372 -9.43 12.83 2.10
CA ASP A 372 -8.98 12.45 3.45
C ASP A 372 -10.16 12.49 4.42
N TRP A 373 -10.63 11.32 4.83
CA TRP A 373 -11.76 11.21 5.75
C TRP A 373 -11.58 12.06 7.00
N ARG A 374 -10.34 12.21 7.45
CA ARG A 374 -10.05 12.98 8.65
C ARG A 374 -10.48 14.43 8.54
N TRP A 375 -10.43 14.98 7.34
CA TRP A 375 -10.83 16.36 7.12
C TRP A 375 -12.31 16.51 7.45
N GLY A 376 -13.09 15.49 7.10
CA GLY A 376 -14.52 15.51 7.38
C GLY A 376 -14.75 15.35 8.87
N ALA A 377 -14.05 14.40 9.48
CA ALA A 377 -14.18 14.16 10.92
C ALA A 377 -13.85 15.44 11.69
N GLU A 378 -12.84 16.17 11.23
CA GLU A 378 -12.45 17.41 11.89
C GLU A 378 -13.52 18.50 11.79
N TRP A 379 -14.14 18.62 10.62
CA TRP A 379 -15.17 19.65 10.45
C TRP A 379 -16.34 19.33 11.37
N PHE A 380 -16.73 18.07 11.45
CA PHE A 380 -17.82 17.66 12.33
C PHE A 380 -17.41 17.98 13.75
N GLU A 381 -16.16 17.66 14.11
CA GLU A 381 -15.68 17.93 15.46
C GLU A 381 -15.84 19.40 15.80
N SER A 382 -15.52 20.25 14.83
CA SER A 382 -15.61 21.70 15.01
C SER A 382 -17.04 22.21 15.06
N CYS A 383 -17.83 21.81 14.08
CA CYS A 383 -19.19 22.30 13.91
C CYS A 383 -20.35 21.68 14.69
N LEU A 384 -20.30 20.38 14.97
CA LEU A 384 -21.39 19.70 15.68
C LEU A 384 -21.69 20.19 17.10
N ILE A 385 -22.95 20.50 17.35
CA ILE A 385 -23.35 20.96 18.66
C ILE A 385 -23.36 19.79 19.65
N ASP A 386 -23.40 18.57 19.12
CA ASP A 386 -23.41 17.36 19.95
C ASP A 386 -22.15 16.50 19.82
N TYR A 387 -21.05 17.13 19.44
CA TYR A 387 -19.80 16.40 19.26
C TYR A 387 -19.43 15.51 20.44
N ASP A 388 -19.14 14.24 20.14
CA ASP A 388 -18.72 13.28 21.14
C ASP A 388 -17.52 12.67 20.44
N VAL A 389 -16.34 12.81 21.03
CA VAL A 389 -15.14 12.31 20.37
C VAL A 389 -15.26 10.86 19.93
N CYS A 390 -15.81 10.02 20.80
CA CYS A 390 -15.94 8.60 20.47
C CYS A 390 -16.94 8.30 19.37
N SER A 391 -18.15 8.84 19.48
CA SER A 391 -19.16 8.58 18.47
C SER A 391 -18.82 9.18 17.11
N ASN A 392 -18.26 10.37 17.10
CA ASN A 392 -17.92 11.02 15.84
C ASN A 392 -16.80 10.29 15.11
N TRP A 393 -15.66 10.13 15.78
CA TRP A 393 -14.55 9.47 15.13
C TRP A 393 -14.85 8.00 14.87
N GLY A 394 -15.63 7.38 15.74
CA GLY A 394 -15.98 5.97 15.54
C GLY A 394 -16.85 5.81 14.29
N ASN A 395 -17.87 6.65 14.17
CA ASN A 395 -18.76 6.60 13.01
C ASN A 395 -18.01 6.95 11.71
N TRP A 396 -17.09 7.91 11.78
CA TRP A 396 -16.34 8.27 10.58
C TRP A 396 -15.46 7.09 10.14
N ASN A 397 -14.87 6.39 11.11
CA ASN A 397 -14.03 5.22 10.82
C ASN A 397 -14.87 4.19 10.07
N TYR A 398 -16.04 3.88 10.59
CA TYR A 398 -16.91 2.89 9.96
C TYR A 398 -17.29 3.26 8.54
N THR A 399 -17.68 4.52 8.35
CA THR A 399 -18.07 5.01 7.03
C THR A 399 -16.92 4.92 6.03
N ALA A 400 -15.72 5.26 6.48
CA ALA A 400 -14.54 5.24 5.61
C ALA A 400 -14.08 3.83 5.26
N GLY A 401 -14.64 2.83 5.94
CA GLY A 401 -14.25 1.45 5.67
C GLY A 401 -12.97 1.04 6.38
N ILE A 402 -12.62 1.76 7.45
CA ILE A 402 -11.40 1.47 8.19
C ILE A 402 -11.70 1.08 9.63
N GLY A 403 -12.99 0.93 9.95
CA GLY A 403 -13.34 0.57 11.31
C GLY A 403 -14.07 -0.76 11.37
N ASN A 404 -14.99 -0.97 10.42
CA ASN A 404 -15.77 -2.19 10.36
C ASN A 404 -15.37 -3.04 9.15
N ASP A 405 -14.70 -4.17 9.42
CA ASP A 405 -14.25 -5.08 8.36
C ASP A 405 -15.30 -5.28 7.27
N ALA A 406 -16.28 -6.13 7.55
CA ALA A 406 -17.34 -6.42 6.59
C ALA A 406 -16.74 -6.61 5.20
N ARG A 407 -16.38 -7.85 4.89
CA ARG A 407 -15.78 -8.20 3.61
C ARG A 407 -16.60 -7.71 2.41
N ASP A 408 -16.63 -6.40 2.22
CA ASP A 408 -17.36 -5.79 1.12
C ASP A 408 -17.33 -4.26 1.16
N PHE A 409 -17.10 -3.67 -0.01
CA PHE A 409 -17.06 -2.22 -0.20
C PHE A 409 -18.47 -1.72 0.13
N ARG A 410 -18.58 -0.57 0.79
CA ARG A 410 -19.89 -0.02 1.14
C ARG A 410 -20.00 1.47 0.88
N TYR A 411 -21.08 1.88 0.21
CA TYR A 411 -21.30 3.28 -0.09
C TYR A 411 -22.78 3.61 -0.10
N PHE A 412 -23.11 4.87 0.15
CA PHE A 412 -24.50 5.30 0.12
C PHE A 412 -24.81 5.90 -1.23
N ASN A 413 -25.93 5.48 -1.83
CA ASN A 413 -26.33 6.01 -3.12
C ASN A 413 -27.10 7.30 -2.82
N ILE A 414 -26.37 8.42 -2.77
CA ILE A 414 -26.97 9.72 -2.44
C ILE A 414 -28.28 10.02 -3.16
N PRO A 415 -28.28 10.01 -4.51
CA PRO A 415 -29.54 10.32 -5.18
C PRO A 415 -30.71 9.40 -4.80
N LYS A 416 -30.40 8.12 -4.57
CA LYS A 416 -31.40 7.12 -4.18
C LYS A 416 -31.90 7.44 -2.76
N GLN A 417 -30.95 7.70 -1.87
CA GLN A 417 -31.26 8.04 -0.48
C GLN A 417 -32.12 9.29 -0.40
N SER A 418 -31.84 10.26 -1.26
CA SER A 418 -32.58 11.52 -1.30
C SER A 418 -34.05 11.27 -1.56
N GLN A 419 -34.34 10.48 -2.59
CA GLN A 419 -35.73 10.17 -2.95
C GLN A 419 -36.42 9.29 -1.91
N GLN A 420 -35.67 8.38 -1.31
CA GLN A 420 -36.24 7.48 -0.31
C GLN A 420 -36.54 8.14 1.04
N TYR A 421 -35.63 8.98 1.51
CA TYR A 421 -35.84 9.60 2.81
C TYR A 421 -36.44 11.01 2.79
N ASP A 422 -36.61 11.57 1.61
CA ASP A 422 -37.24 12.89 1.45
C ASP A 422 -38.12 12.80 0.20
N PRO A 423 -39.01 11.81 0.16
CA PRO A 423 -39.92 11.55 -0.95
C PRO A 423 -40.68 12.75 -1.51
N GLN A 424 -41.01 13.72 -0.67
CA GLN A 424 -41.74 14.90 -1.14
C GLN A 424 -40.85 16.12 -1.34
N GLY A 425 -39.54 15.97 -1.09
CA GLY A 425 -38.60 17.06 -1.27
C GLY A 425 -38.71 18.15 -0.22
N THR A 426 -39.44 17.88 0.85
CA THR A 426 -39.64 18.84 1.92
C THR A 426 -38.34 19.30 2.56
N TYR A 427 -37.48 18.35 2.89
CA TYR A 427 -36.20 18.67 3.52
C TYR A 427 -35.38 19.56 2.58
N LEU A 428 -35.30 19.15 1.32
CA LEU A 428 -34.56 19.88 0.30
C LEU A 428 -35.01 21.34 0.16
N ARG A 429 -36.32 21.54 0.04
CA ARG A 429 -36.84 22.90 -0.11
C ARG A 429 -36.67 23.71 1.17
N HIS A 430 -36.62 23.02 2.29
CA HIS A 430 -36.48 23.69 3.58
C HIS A 430 -35.10 24.34 3.72
N TRP A 431 -34.07 23.63 3.27
CA TRP A 431 -32.70 24.14 3.38
C TRP A 431 -32.08 24.75 2.14
N LEU A 432 -32.70 24.54 0.99
CA LEU A 432 -32.17 25.07 -0.26
C LEU A 432 -33.22 25.96 -0.92
N PRO A 433 -33.39 27.19 -0.42
CA PRO A 433 -34.35 28.17 -0.93
C PRO A 433 -34.32 28.32 -2.45
N GLU A 434 -33.13 28.33 -3.01
CA GLU A 434 -32.96 28.48 -4.46
C GLU A 434 -33.64 27.38 -5.27
N LEU A 435 -33.96 26.26 -4.63
CA LEU A 435 -34.63 25.16 -5.33
C LEU A 435 -36.11 25.10 -4.98
N LYS A 436 -36.57 26.09 -4.22
CA LYS A 436 -37.96 26.16 -3.78
C LYS A 436 -38.93 26.17 -4.95
N ASN A 437 -38.52 26.75 -6.08
CA ASN A 437 -39.41 26.80 -7.23
C ASN A 437 -39.50 25.52 -8.03
N LEU A 438 -38.69 24.52 -7.67
CA LEU A 438 -38.75 23.24 -8.37
C LEU A 438 -39.93 22.48 -7.77
N PRO A 439 -41.01 22.31 -8.54
CA PRO A 439 -42.20 21.61 -8.06
C PRO A 439 -42.17 20.09 -8.13
N GLY A 440 -41.24 19.55 -8.92
CA GLY A 440 -41.17 18.10 -9.07
C GLY A 440 -40.00 17.38 -8.43
N ASP A 441 -39.95 16.06 -8.63
CA ASP A 441 -38.89 15.25 -8.05
C ASP A 441 -37.50 15.45 -8.66
N LYS A 442 -37.39 16.35 -9.62
CA LYS A 442 -36.08 16.61 -10.21
C LYS A 442 -35.27 17.43 -9.20
N ILE A 443 -35.94 17.86 -8.14
CA ILE A 443 -35.25 18.62 -7.10
C ILE A 443 -34.15 17.74 -6.50
N HIS A 444 -34.33 16.43 -6.60
CA HIS A 444 -33.34 15.48 -6.08
C HIS A 444 -32.10 15.39 -6.96
N GLN A 445 -32.29 15.61 -8.26
CA GLN A 445 -31.20 15.55 -9.22
C GLN A 445 -31.36 16.69 -10.22
N PRO A 446 -31.09 17.93 -9.77
CA PRO A 446 -31.22 19.12 -10.61
C PRO A 446 -30.49 19.09 -11.95
N TRP A 447 -29.47 18.24 -12.07
CA TRP A 447 -28.74 18.16 -13.33
C TRP A 447 -29.62 17.58 -14.43
N LEU A 448 -30.78 17.04 -14.05
CA LEU A 448 -31.70 16.47 -15.04
C LEU A 448 -32.64 17.51 -15.63
N LEU A 449 -32.60 18.74 -15.11
CA LEU A 449 -33.44 19.83 -15.59
C LEU A 449 -33.06 20.25 -17.00
N SER A 450 -34.07 20.38 -17.88
CA SER A 450 -33.81 20.80 -19.24
C SER A 450 -33.56 22.30 -19.26
N ALA A 451 -33.10 22.81 -20.40
CA ALA A 451 -32.84 24.23 -20.54
C ALA A 451 -34.13 25.01 -20.27
N THR A 452 -35.24 24.46 -20.76
CA THR A 452 -36.54 25.09 -20.57
C THR A 452 -36.94 25.12 -19.09
N GLU A 453 -36.71 24.02 -18.40
CA GLU A 453 -37.05 23.93 -16.98
C GLU A 453 -36.22 24.88 -16.13
N GLN A 454 -34.92 24.94 -16.41
CA GLN A 454 -34.03 25.82 -15.65
C GLN A 454 -34.46 27.27 -15.81
N LYS A 455 -34.83 27.64 -17.04
CA LYS A 455 -35.26 29.01 -17.28
C LYS A 455 -36.62 29.31 -16.66
N GLN A 456 -37.60 28.45 -16.95
CA GLN A 456 -38.95 28.64 -16.42
C GLN A 456 -39.01 28.69 -14.90
N TRP A 457 -38.29 27.78 -14.24
CA TRP A 457 -38.31 27.74 -12.78
C TRP A 457 -37.25 28.59 -12.09
N GLY A 458 -36.50 29.37 -12.86
CA GLY A 458 -35.49 30.25 -12.29
C GLY A 458 -34.36 29.53 -11.56
N VAL A 459 -33.92 28.40 -12.10
CA VAL A 459 -32.83 27.64 -11.52
C VAL A 459 -31.80 27.32 -12.59
N GLN A 460 -30.88 28.24 -12.80
CA GLN A 460 -29.83 28.08 -13.80
C GLN A 460 -28.63 27.37 -13.17
N LEU A 461 -28.41 26.12 -13.55
CA LEU A 461 -27.30 25.35 -13.02
C LEU A 461 -25.99 26.08 -13.33
N GLY A 462 -25.19 26.28 -12.29
CA GLY A 462 -23.93 26.99 -12.47
C GLY A 462 -24.05 28.41 -11.94
N VAL A 463 -25.27 28.90 -11.82
CA VAL A 463 -25.50 30.25 -11.33
C VAL A 463 -26.31 30.27 -10.04
N ASP A 464 -27.52 29.71 -10.08
CA ASP A 464 -28.37 29.67 -8.88
C ASP A 464 -28.07 28.46 -8.01
N TYR A 465 -27.68 27.36 -8.65
CA TYR A 465 -27.33 26.15 -7.92
C TYR A 465 -26.21 25.47 -8.71
N PRO A 466 -25.21 24.91 -8.01
CA PRO A 466 -24.12 24.26 -8.74
C PRO A 466 -24.42 22.99 -9.51
N ARG A 467 -23.57 22.73 -10.49
CA ARG A 467 -23.65 21.52 -11.31
C ARG A 467 -23.04 20.45 -10.41
N PRO A 468 -23.34 19.16 -10.65
CA PRO A 468 -22.75 18.11 -9.79
C PRO A 468 -21.23 18.20 -9.89
N CYS A 469 -20.54 18.19 -8.76
CA CYS A 469 -19.08 18.29 -8.77
C CYS A 469 -18.39 17.00 -9.20
N VAL A 470 -19.15 15.90 -9.26
CA VAL A 470 -18.59 14.63 -9.68
C VAL A 470 -19.67 13.76 -10.32
N ASN A 471 -19.24 12.79 -11.11
CA ASN A 471 -20.18 11.85 -11.73
C ASN A 471 -20.40 10.82 -10.64
N PHE A 472 -21.65 10.59 -10.24
CA PHE A 472 -21.87 9.66 -9.14
C PHE A 472 -21.40 8.23 -9.33
N HIS A 473 -21.90 7.53 -10.33
CA HIS A 473 -21.51 6.16 -10.57
C HIS A 473 -19.99 6.03 -10.81
N GLN A 474 -19.45 6.90 -11.64
CA GLN A 474 -18.02 6.88 -11.95
C GLN A 474 -17.16 7.07 -10.70
N SER A 475 -17.49 8.06 -9.89
CA SER A 475 -16.74 8.33 -8.68
C SER A 475 -16.74 7.13 -7.74
N VAL A 476 -17.90 6.49 -7.60
CA VAL A 476 -18.02 5.33 -6.72
C VAL A 476 -17.16 4.16 -7.21
N GLU A 477 -17.25 3.87 -8.51
CA GLU A 477 -16.47 2.76 -9.07
C GLU A 477 -14.98 3.09 -9.04
N ALA A 478 -14.64 4.36 -9.17
CA ALA A 478 -13.25 4.79 -9.16
C ALA A 478 -12.63 4.61 -7.77
N ARG A 479 -13.34 5.04 -6.73
CA ARG A 479 -12.86 4.91 -5.37
C ARG A 479 -12.78 3.45 -4.99
N ARG A 480 -13.74 2.65 -5.45
CA ARG A 480 -13.74 1.22 -5.16
C ARG A 480 -12.57 0.55 -5.86
N LYS A 481 -12.24 1.03 -7.06
CA LYS A 481 -11.13 0.48 -7.83
C LYS A 481 -9.86 0.46 -7.01
N ILE A 482 -9.86 1.17 -5.89
CA ILE A 482 -8.68 1.19 -5.03
C ILE A 482 -8.64 -0.04 -4.12
N GLU A 483 -8.31 -1.17 -4.73
CA GLU A 483 -8.21 -2.44 -4.03
C GLU A 483 -6.73 -2.70 -3.74
N MET B 1 26.59 29.97 2.63
CA MET B 1 26.63 28.48 2.72
C MET B 1 27.33 27.89 1.51
N LYS B 2 28.23 26.95 1.75
CA LYS B 2 28.96 26.28 0.67
C LYS B 2 29.62 25.00 1.16
N HIS B 3 29.93 24.11 0.21
CA HIS B 3 30.56 22.83 0.52
C HIS B 3 31.49 22.42 -0.62
N VAL B 4 31.32 21.19 -1.09
CA VAL B 4 32.15 20.67 -2.17
C VAL B 4 31.55 21.05 -3.52
N PRO B 5 32.41 21.19 -4.54
CA PRO B 5 31.92 21.55 -5.88
C PRO B 5 31.03 20.48 -6.49
N PRO B 6 30.09 20.89 -7.36
CA PRO B 6 29.19 19.94 -8.01
C PRO B 6 29.90 18.89 -8.85
N THR B 7 29.34 17.69 -8.87
CA THR B 7 29.89 16.56 -9.61
C THR B 7 28.73 15.78 -10.23
N VAL B 8 29.05 14.70 -10.93
CA VAL B 8 28.02 13.84 -11.50
C VAL B 8 28.35 12.42 -11.11
N LEU B 9 27.34 11.55 -11.11
CA LEU B 9 27.57 10.18 -10.71
C LEU B 9 27.04 9.20 -11.74
N VAL B 10 27.89 8.25 -12.15
CA VAL B 10 27.48 7.25 -13.10
C VAL B 10 27.34 5.95 -12.29
N TRP B 11 26.12 5.40 -12.29
CA TRP B 11 25.80 4.19 -11.55
C TRP B 11 25.76 3.00 -12.52
N PHE B 12 26.60 2.00 -12.27
CA PHE B 12 26.67 0.82 -13.14
C PHE B 12 25.90 -0.39 -12.59
N ARG B 13 25.39 -1.20 -13.49
CA ARG B 13 24.68 -2.43 -13.14
C ARG B 13 25.05 -3.53 -14.12
N ASN B 14 24.32 -3.61 -15.23
CA ASN B 14 24.57 -4.63 -16.25
C ASN B 14 25.10 -3.99 -17.52
N ASP B 15 25.97 -2.99 -17.34
CA ASP B 15 26.55 -2.23 -18.45
C ASP B 15 28.02 -1.99 -18.14
N LEU B 16 28.71 -3.07 -17.80
CA LEU B 16 30.11 -3.00 -17.41
C LEU B 16 31.08 -2.84 -18.58
N ARG B 17 31.13 -1.63 -19.13
CA ARG B 17 32.00 -1.35 -20.27
C ARG B 17 32.18 0.16 -20.39
N LEU B 18 33.21 0.58 -21.13
CA LEU B 18 33.45 1.99 -21.38
C LEU B 18 32.99 2.33 -22.80
N HIS B 19 33.04 1.35 -23.71
CA HIS B 19 32.60 1.61 -25.09
C HIS B 19 31.09 1.69 -25.19
N ASP B 20 30.61 2.46 -26.18
CA ASP B 20 29.19 2.65 -26.44
C ASP B 20 28.35 2.69 -25.16
N HIS B 21 28.66 3.63 -24.28
CA HIS B 21 27.96 3.77 -23.00
C HIS B 21 27.39 5.18 -22.90
N GLU B 22 26.12 5.33 -23.27
CA GLU B 22 25.47 6.64 -23.26
C GLU B 22 25.43 7.35 -21.91
N PRO B 23 25.12 6.63 -20.82
CA PRO B 23 25.10 7.34 -19.53
C PRO B 23 26.47 7.95 -19.23
N LEU B 24 27.52 7.18 -19.50
CA LEU B 24 28.87 7.65 -19.24
C LEU B 24 29.24 8.79 -20.18
N HIS B 25 28.83 8.68 -21.44
CA HIS B 25 29.12 9.72 -22.42
C HIS B 25 28.44 11.03 -22.02
N ARG B 26 27.17 10.96 -21.66
CA ARG B 26 26.45 12.16 -21.25
C ARG B 26 27.07 12.73 -19.99
N ALA B 27 27.47 11.85 -19.07
CA ALA B 27 28.09 12.30 -17.83
C ALA B 27 29.35 13.13 -18.08
N LEU B 28 30.28 12.59 -18.86
CA LEU B 28 31.53 13.30 -19.13
C LEU B 28 31.29 14.57 -19.93
N LYS B 29 30.23 14.58 -20.74
CA LYS B 29 29.88 15.73 -21.55
C LYS B 29 29.35 16.90 -20.72
N SER B 30 29.09 16.66 -19.43
CA SER B 30 28.60 17.71 -18.56
C SER B 30 29.75 18.62 -18.15
N GLY B 31 30.97 18.11 -18.24
CA GLY B 31 32.13 18.89 -17.87
C GLY B 31 32.52 18.69 -16.41
N LEU B 32 31.62 18.11 -15.63
CA LEU B 32 31.88 17.86 -14.22
C LEU B 32 32.61 16.53 -14.03
N ALA B 33 33.27 16.36 -12.88
CA ALA B 33 34.00 15.14 -12.59
C ALA B 33 33.03 14.01 -12.27
N ILE B 34 33.38 12.80 -12.69
CA ILE B 34 32.52 11.65 -12.48
C ILE B 34 32.91 10.73 -11.33
N THR B 35 31.92 10.36 -10.52
CA THR B 35 32.15 9.39 -9.46
C THR B 35 31.40 8.19 -10.01
N ALA B 36 32.16 7.15 -10.38
CA ALA B 36 31.58 5.91 -10.95
C ALA B 36 31.38 4.90 -9.83
N VAL B 37 30.19 4.31 -9.75
CA VAL B 37 29.91 3.37 -8.68
C VAL B 37 29.24 2.07 -9.10
N TYR B 38 29.71 0.96 -8.52
CA TYR B 38 29.09 -0.34 -8.74
C TYR B 38 28.77 -0.81 -7.33
N CYS B 39 27.52 -1.19 -7.09
CA CYS B 39 27.13 -1.61 -5.76
C CYS B 39 26.63 -3.05 -5.80
N TYR B 40 27.39 -3.96 -5.20
CA TYR B 40 26.97 -5.36 -5.17
C TYR B 40 25.70 -5.46 -4.32
N ASP B 41 24.61 -5.88 -4.94
CA ASP B 41 23.30 -6.00 -4.30
C ASP B 41 23.15 -7.37 -3.63
N PRO B 42 23.14 -7.41 -2.28
CA PRO B 42 23.00 -8.69 -1.57
C PRO B 42 21.76 -9.49 -1.96
N ARG B 43 20.73 -8.81 -2.45
CA ARG B 43 19.51 -9.51 -2.87
C ARG B 43 19.78 -10.38 -4.10
N GLN B 44 20.77 -9.99 -4.88
CA GLN B 44 21.13 -10.75 -6.08
C GLN B 44 21.93 -11.99 -5.68
N PHE B 45 22.38 -12.04 -4.42
CA PHE B 45 23.15 -13.17 -3.94
C PHE B 45 22.42 -13.99 -2.88
N ALA B 46 21.10 -13.82 -2.83
CA ALA B 46 20.25 -14.53 -1.89
C ALA B 46 19.71 -15.80 -2.56
N GLN B 47 18.40 -16.00 -2.53
CA GLN B 47 17.80 -17.19 -3.12
C GLN B 47 16.72 -16.89 -4.16
N THR B 48 16.49 -17.84 -5.06
CA THR B 48 15.41 -17.70 -6.04
C THR B 48 14.22 -18.18 -5.23
N HIS B 49 13.01 -18.11 -5.78
CA HIS B 49 11.85 -18.55 -5.03
C HIS B 49 12.00 -19.96 -4.46
N GLN B 50 12.52 -20.89 -5.26
CA GLN B 50 12.69 -22.26 -4.80
C GLN B 50 13.92 -22.52 -3.92
N GLY B 51 14.67 -21.47 -3.60
CA GLY B 51 15.83 -21.66 -2.74
C GLY B 51 17.19 -21.83 -3.42
N PHE B 52 17.22 -21.75 -4.74
CA PHE B 52 18.48 -21.87 -5.47
C PHE B 52 19.25 -20.58 -5.23
N ALA B 53 20.58 -20.63 -5.33
CA ALA B 53 21.39 -19.43 -5.16
C ALA B 53 20.94 -18.47 -6.26
N LYS B 54 20.59 -17.25 -5.87
CA LYS B 54 20.13 -16.25 -6.82
C LYS B 54 21.14 -16.07 -7.95
N THR B 55 22.42 -16.04 -7.60
CA THR B 55 23.49 -15.90 -8.58
C THR B 55 24.49 -17.01 -8.31
N GLY B 56 24.46 -18.03 -9.16
CA GLY B 56 25.35 -19.17 -9.01
C GLY B 56 26.83 -18.84 -9.07
N PRO B 57 27.69 -19.85 -8.81
CA PRO B 57 29.15 -19.66 -8.83
C PRO B 57 29.75 -19.24 -10.17
N TRP B 58 29.26 -19.80 -11.26
CA TRP B 58 29.81 -19.45 -12.57
C TRP B 58 29.58 -17.98 -12.88
N ARG B 59 28.35 -17.52 -12.71
CA ARG B 59 28.06 -16.12 -13.02
C ARG B 59 28.59 -15.16 -11.96
N SER B 60 28.61 -15.58 -10.69
CA SER B 60 29.10 -14.68 -9.66
C SER B 60 30.57 -14.33 -9.90
N ASN B 61 31.36 -15.32 -10.28
CA ASN B 61 32.77 -15.08 -10.55
C ASN B 61 32.91 -14.27 -11.84
N PHE B 62 32.10 -14.59 -12.83
CA PHE B 62 32.14 -13.86 -14.11
C PHE B 62 31.81 -12.40 -13.79
N LEU B 63 30.87 -12.18 -12.88
CA LEU B 63 30.49 -10.83 -12.50
C LEU B 63 31.65 -10.07 -11.83
N GLN B 64 32.26 -10.69 -10.83
CA GLN B 64 33.38 -10.04 -10.14
C GLN B 64 34.51 -9.70 -11.12
N GLN B 65 34.83 -10.63 -12.01
CA GLN B 65 35.89 -10.39 -12.98
C GLN B 65 35.51 -9.20 -13.87
N SER B 66 34.22 -9.10 -14.20
CA SER B 66 33.72 -8.01 -15.04
C SER B 66 33.79 -6.65 -14.32
N VAL B 67 33.46 -6.65 -13.05
CA VAL B 67 33.51 -5.42 -12.26
C VAL B 67 34.97 -4.98 -12.09
N GLN B 68 35.85 -5.96 -11.92
CA GLN B 68 37.27 -5.66 -11.73
C GLN B 68 37.87 -5.09 -13.01
N ASN B 69 37.48 -5.63 -14.16
CA ASN B 69 37.98 -5.15 -15.42
C ASN B 69 37.53 -3.70 -15.62
N LEU B 70 36.29 -3.41 -15.24
CA LEU B 70 35.75 -2.05 -15.36
C LEU B 70 36.56 -1.09 -14.50
N ALA B 71 36.92 -1.53 -13.29
CA ALA B 71 37.71 -0.69 -12.40
C ALA B 71 39.06 -0.41 -13.06
N GLU B 72 39.64 -1.43 -13.69
CA GLU B 72 40.92 -1.28 -14.37
C GLU B 72 40.84 -0.27 -15.53
N SER B 73 39.79 -0.39 -16.34
CA SER B 73 39.60 0.51 -17.48
C SER B 73 39.41 1.96 -17.03
N LEU B 74 38.62 2.16 -15.98
CA LEU B 74 38.37 3.51 -15.46
C LEU B 74 39.65 4.09 -14.89
N GLN B 75 40.44 3.26 -14.22
CA GLN B 75 41.69 3.72 -13.65
C GLN B 75 42.64 4.15 -14.77
N LYS B 76 42.63 3.41 -15.87
CA LYS B 76 43.50 3.72 -16.99
C LYS B 76 43.18 5.08 -17.63
N VAL B 77 41.93 5.52 -17.55
CA VAL B 77 41.56 6.80 -18.14
C VAL B 77 41.64 7.96 -17.12
N GLY B 78 42.16 7.67 -15.93
CA GLY B 78 42.31 8.70 -14.92
C GLY B 78 41.19 8.83 -13.90
N ASN B 79 40.23 7.92 -13.95
CA ASN B 79 39.12 7.96 -13.00
C ASN B 79 39.21 6.68 -12.15
N LYS B 80 38.08 6.16 -11.69
CA LYS B 80 38.11 4.94 -10.90
C LYS B 80 36.72 4.43 -10.57
N LEU B 81 36.62 3.13 -10.32
CA LEU B 81 35.33 2.56 -10.00
C LEU B 81 35.23 2.38 -8.49
N LEU B 82 34.25 3.04 -7.89
CA LEU B 82 34.05 2.89 -6.46
C LEU B 82 33.19 1.63 -6.32
N VAL B 83 33.70 0.65 -5.60
CA VAL B 83 32.97 -0.60 -5.42
C VAL B 83 32.52 -0.73 -3.97
N THR B 84 31.24 -1.03 -3.78
CA THR B 84 30.73 -1.20 -2.44
C THR B 84 29.65 -2.29 -2.45
N THR B 85 29.04 -2.52 -1.29
CA THR B 85 28.02 -3.56 -1.14
C THR B 85 26.81 -3.02 -0.39
N GLY B 86 25.61 -3.35 -0.86
CA GLY B 86 24.41 -2.89 -0.18
C GLY B 86 23.26 -2.65 -1.13
N LEU B 87 22.20 -1.99 -0.63
CA LEU B 87 21.03 -1.70 -1.47
C LEU B 87 21.32 -0.42 -2.24
N PRO B 88 21.44 -0.50 -3.57
CA PRO B 88 21.72 0.68 -4.40
C PRO B 88 20.82 1.88 -4.08
N GLU B 89 19.53 1.63 -3.88
CA GLU B 89 18.59 2.72 -3.59
C GLU B 89 18.94 3.45 -2.31
N GLN B 90 19.78 2.85 -1.47
CA GLN B 90 20.21 3.48 -0.23
C GLN B 90 21.62 4.06 -0.41
N VAL B 91 22.52 3.25 -0.96
CA VAL B 91 23.91 3.64 -1.16
C VAL B 91 24.18 4.77 -2.17
N ILE B 92 23.62 4.67 -3.37
CA ILE B 92 23.85 5.70 -4.39
C ILE B 92 23.43 7.09 -3.94
N PRO B 93 22.19 7.25 -3.46
CA PRO B 93 21.81 8.60 -3.02
C PRO B 93 22.64 9.13 -1.85
N GLN B 94 23.11 8.22 -0.99
CA GLN B 94 23.92 8.62 0.15
C GLN B 94 25.23 9.18 -0.41
N ILE B 95 25.83 8.46 -1.35
CA ILE B 95 27.07 8.90 -1.99
C ILE B 95 26.84 10.21 -2.73
N ALA B 96 25.75 10.26 -3.49
CA ALA B 96 25.40 11.46 -4.26
C ALA B 96 25.33 12.69 -3.36
N LYS B 97 24.80 12.51 -2.15
CA LYS B 97 24.68 13.62 -1.22
C LYS B 97 26.07 14.09 -0.75
N GLN B 98 26.95 13.15 -0.44
CA GLN B 98 28.29 13.48 0.03
C GLN B 98 29.22 14.12 -1.00
N ILE B 99 29.02 13.79 -2.28
CA ILE B 99 29.86 14.36 -3.33
C ILE B 99 29.17 15.52 -4.04
N ASN B 100 28.00 15.89 -3.57
CA ASN B 100 27.20 16.96 -4.16
C ASN B 100 26.96 16.69 -5.64
N ALA B 101 26.48 15.49 -5.95
CA ALA B 101 26.20 15.12 -7.32
C ALA B 101 24.97 15.89 -7.81
N LYS B 102 25.07 16.46 -9.00
CA LYS B 102 23.95 17.21 -9.56
C LYS B 102 23.04 16.29 -10.36
N THR B 103 23.63 15.22 -10.90
CA THR B 103 22.88 14.28 -11.71
C THR B 103 23.45 12.87 -11.64
N ILE B 104 22.55 11.88 -11.63
CA ILE B 104 22.96 10.48 -11.62
C ILE B 104 22.59 9.92 -12.99
N TYR B 105 23.57 9.37 -13.70
CA TYR B 105 23.34 8.79 -15.02
C TYR B 105 23.37 7.26 -14.92
N TYR B 106 22.43 6.60 -15.58
CA TYR B 106 22.37 5.14 -15.53
C TYR B 106 21.56 4.55 -16.67
N HIS B 107 21.64 3.23 -16.81
CA HIS B 107 20.91 2.51 -17.85
C HIS B 107 19.62 1.94 -17.26
N ARG B 108 18.53 2.09 -18.00
CA ARG B 108 17.23 1.60 -17.56
C ARG B 108 17.04 0.12 -17.83
N GLU B 109 16.34 -0.55 -16.91
CA GLU B 109 16.03 -1.97 -17.03
C GLU B 109 14.50 -2.07 -17.19
N VAL B 110 13.99 -3.27 -17.47
CA VAL B 110 12.55 -3.41 -17.67
C VAL B 110 11.84 -4.43 -16.79
N THR B 111 12.59 -5.22 -16.03
CA THR B 111 11.97 -6.23 -15.19
C THR B 111 11.79 -5.81 -13.74
N GLN B 112 10.73 -6.34 -13.12
CA GLN B 112 10.34 -6.06 -11.74
C GLN B 112 11.42 -5.76 -10.72
N GLU B 113 12.27 -6.74 -10.42
CA GLU B 113 13.32 -6.56 -9.43
C GLU B 113 14.21 -5.36 -9.76
N GLU B 114 14.68 -5.30 -11.01
CA GLU B 114 15.56 -4.22 -11.46
C GLU B 114 14.83 -2.87 -11.44
N LEU B 115 13.58 -2.88 -11.90
CA LEU B 115 12.79 -1.65 -11.94
C LEU B 115 12.57 -1.11 -10.53
N ASP B 116 12.28 -2.00 -9.59
CA ASP B 116 12.04 -1.56 -8.22
C ASP B 116 13.25 -0.82 -7.65
N VAL B 117 14.45 -1.33 -7.92
CA VAL B 117 15.67 -0.70 -7.44
C VAL B 117 15.86 0.69 -8.04
N GLU B 118 15.70 0.82 -9.35
CA GLU B 118 15.89 2.13 -9.96
C GLU B 118 14.80 3.13 -9.58
N ARG B 119 13.58 2.66 -9.38
CA ARG B 119 12.48 3.55 -9.00
C ARG B 119 12.68 4.10 -7.58
N ASN B 120 13.08 3.24 -6.65
CA ASN B 120 13.30 3.68 -5.28
C ASN B 120 14.53 4.59 -5.21
N LEU B 121 15.52 4.30 -6.06
CA LEU B 121 16.74 5.11 -6.08
C LEU B 121 16.42 6.53 -6.54
N VAL B 122 15.70 6.64 -7.65
CA VAL B 122 15.31 7.94 -8.19
C VAL B 122 14.41 8.69 -7.20
N LYS B 123 13.54 7.95 -6.54
CA LYS B 123 12.64 8.55 -5.56
C LYS B 123 13.46 9.23 -4.46
N GLN B 124 14.51 8.55 -3.99
CA GLN B 124 15.36 9.11 -2.95
C GLN B 124 16.16 10.32 -3.44
N LEU B 125 16.60 10.28 -4.70
CA LEU B 125 17.36 11.40 -5.26
C LEU B 125 16.45 12.63 -5.36
N THR B 126 15.20 12.40 -5.77
CA THR B 126 14.24 13.49 -5.91
C THR B 126 14.02 14.15 -4.55
N ILE B 127 13.90 13.33 -3.50
CA ILE B 127 13.71 13.84 -2.16
C ILE B 127 14.87 14.78 -1.82
N LEU B 128 16.06 14.42 -2.28
CA LEU B 128 17.27 15.22 -2.04
C LEU B 128 17.42 16.35 -3.05
N GLY B 129 16.50 16.43 -4.01
CA GLY B 129 16.58 17.48 -5.02
C GLY B 129 17.67 17.21 -6.05
N ILE B 130 18.04 15.95 -6.21
CA ILE B 130 19.07 15.56 -7.16
C ILE B 130 18.42 14.97 -8.41
N GLU B 131 18.96 15.31 -9.58
CA GLU B 131 18.44 14.84 -10.85
C GLU B 131 18.92 13.44 -11.23
N ALA B 132 18.10 12.73 -11.98
CA ALA B 132 18.42 11.38 -12.45
C ALA B 132 18.09 11.31 -13.93
N LYS B 133 19.01 10.76 -14.71
CA LYS B 133 18.81 10.59 -16.14
C LYS B 133 19.08 9.15 -16.56
N GLY B 134 18.02 8.45 -16.95
CA GLY B 134 18.12 7.06 -17.35
C GLY B 134 18.10 6.93 -18.86
N TYR B 135 18.86 5.97 -19.37
CA TYR B 135 18.96 5.73 -20.80
C TYR B 135 18.71 4.28 -21.18
N TRP B 136 18.25 4.09 -22.41
CA TRP B 136 18.00 2.75 -22.95
C TRP B 136 19.19 2.37 -23.80
N GLY B 137 19.98 1.39 -23.36
CA GLY B 137 21.15 0.98 -24.13
C GLY B 137 21.39 -0.51 -24.15
N SER B 138 20.41 -1.29 -23.69
CA SER B 138 20.53 -2.75 -23.65
C SER B 138 20.24 -3.42 -24.98
N THR B 139 19.33 -2.84 -25.75
CA THR B 139 18.92 -3.41 -27.02
C THR B 139 19.64 -2.89 -28.27
N LEU B 140 19.65 -3.73 -29.30
CA LEU B 140 20.28 -3.36 -30.58
C LEU B 140 19.47 -2.20 -31.14
N CYS B 141 18.16 -2.35 -31.15
CA CYS B 141 17.24 -1.32 -31.64
C CYS B 141 16.81 -0.47 -30.46
N HIS B 142 16.88 0.84 -30.61
CA HIS B 142 16.47 1.73 -29.53
C HIS B 142 14.96 1.79 -29.46
N PRO B 143 14.40 1.70 -28.24
CA PRO B 143 12.95 1.75 -28.02
C PRO B 143 12.27 2.88 -28.77
N GLU B 144 12.91 4.04 -28.82
CA GLU B 144 12.34 5.21 -29.51
C GLU B 144 12.39 5.12 -31.03
N ASP B 145 13.23 4.24 -31.57
CA ASP B 145 13.32 4.10 -33.00
C ASP B 145 12.41 3.00 -33.57
N LEU B 146 11.69 2.32 -32.68
CA LEU B 146 10.78 1.27 -33.09
C LEU B 146 9.59 1.81 -33.88
N PRO B 147 9.04 1.02 -34.81
CA PRO B 147 7.89 1.47 -35.60
C PRO B 147 6.58 1.33 -34.83
N PHE B 148 6.68 1.04 -33.53
CA PHE B 148 5.50 0.86 -32.70
C PHE B 148 5.82 1.04 -31.22
N SER B 149 4.78 1.24 -30.42
CA SER B 149 4.96 1.38 -28.98
C SER B 149 5.22 -0.02 -28.44
N ILE B 150 5.91 -0.11 -27.32
CA ILE B 150 6.20 -1.40 -26.72
C ILE B 150 4.91 -2.16 -26.47
N GLN B 151 3.90 -1.45 -25.99
CA GLN B 151 2.62 -2.09 -25.71
C GLN B 151 1.94 -2.59 -26.97
N ASP B 152 2.44 -2.17 -28.13
CA ASP B 152 1.88 -2.60 -29.42
C ASP B 152 2.83 -3.52 -30.18
N LEU B 153 3.79 -4.09 -29.45
CA LEU B 153 4.77 -5.00 -30.03
C LEU B 153 4.05 -6.21 -30.65
N PRO B 154 4.46 -6.62 -31.86
CA PRO B 154 3.81 -7.78 -32.49
C PRO B 154 4.01 -9.07 -31.70
N ASP B 155 2.99 -9.94 -31.73
CA ASP B 155 3.05 -11.20 -31.00
C ASP B 155 4.07 -12.16 -31.59
N LEU B 156 4.19 -12.15 -32.91
CA LEU B 156 5.14 -13.03 -33.58
C LEU B 156 6.48 -12.34 -33.76
N PHE B 157 7.55 -13.08 -33.57
CA PHE B 157 8.89 -12.53 -33.73
C PHE B 157 9.08 -12.14 -35.19
N THR B 158 8.60 -13.00 -36.09
CA THR B 158 8.72 -12.75 -37.53
C THR B 158 8.20 -11.38 -37.93
N LYS B 159 7.00 -11.03 -37.48
CA LYS B 159 6.44 -9.73 -37.81
C LYS B 159 7.35 -8.64 -37.26
N PHE B 160 7.76 -8.80 -36.01
CA PHE B 160 8.64 -7.85 -35.36
C PHE B 160 9.92 -7.65 -36.17
N ARG B 161 10.52 -8.77 -36.57
CA ARG B 161 11.75 -8.76 -37.35
C ARG B 161 11.53 -8.19 -38.76
N LYS B 162 10.39 -8.50 -39.35
CA LYS B 162 10.07 -8.01 -40.68
C LYS B 162 9.76 -6.52 -40.65
N ASP B 163 9.10 -6.08 -39.58
CA ASP B 163 8.75 -4.67 -39.44
C ASP B 163 9.96 -3.76 -39.24
N ILE B 164 10.81 -4.08 -38.26
CA ILE B 164 11.98 -3.26 -38.02
C ILE B 164 12.86 -3.29 -39.27
N GLU B 165 12.86 -4.43 -39.94
CA GLU B 165 13.64 -4.61 -41.16
C GLU B 165 13.04 -3.77 -42.28
N LYS B 166 11.75 -3.97 -42.53
CA LYS B 166 11.05 -3.24 -43.58
C LYS B 166 10.55 -1.89 -43.06
N LYS B 167 11.50 -1.02 -42.76
CA LYS B 167 11.23 0.33 -42.27
C LYS B 167 12.54 1.02 -41.96
N LYS B 168 13.64 0.37 -42.31
CA LYS B 168 14.98 0.90 -42.09
C LYS B 168 15.14 1.44 -40.67
N ILE B 169 14.68 0.67 -39.69
CA ILE B 169 14.75 1.05 -38.28
C ILE B 169 16.04 1.82 -37.99
N SER B 170 17.14 1.36 -38.58
CA SER B 170 18.44 2.00 -38.40
C SER B 170 19.01 1.85 -36.99
N ILE B 171 20.30 1.55 -36.92
CA ILE B 171 20.98 1.35 -35.64
C ILE B 171 21.79 2.58 -35.27
N ARG B 172 21.59 3.09 -34.06
CA ARG B 172 22.31 4.27 -33.59
C ARG B 172 23.81 4.01 -33.50
N PRO B 173 24.63 4.96 -33.99
CA PRO B 173 26.08 4.78 -33.94
C PRO B 173 26.58 4.63 -32.51
N CYS B 174 27.66 3.87 -32.33
CA CYS B 174 28.23 3.65 -31.01
C CYS B 174 28.91 4.90 -30.48
N PHE B 175 28.83 5.10 -29.17
CA PHE B 175 29.51 6.23 -28.56
C PHE B 175 30.92 5.70 -28.36
N PHE B 176 31.92 6.55 -28.49
CA PHE B 176 33.30 6.11 -28.31
C PHE B 176 33.63 5.96 -26.84
N ALA B 177 34.56 5.06 -26.54
CA ALA B 177 34.99 4.88 -25.16
C ALA B 177 35.89 6.07 -24.90
N PRO B 178 35.75 6.72 -23.74
CA PRO B 178 36.61 7.87 -23.48
C PRO B 178 38.05 7.42 -23.25
N SER B 179 39.01 8.22 -23.70
CA SER B 179 40.42 7.88 -23.51
C SER B 179 40.93 8.56 -22.24
N GLN B 180 40.18 9.55 -21.77
CA GLN B 180 40.55 10.25 -20.55
C GLN B 180 39.33 10.89 -19.90
N LEU B 181 39.31 10.86 -18.58
CA LEU B 181 38.22 11.43 -17.80
C LEU B 181 38.81 12.26 -16.69
N LEU B 182 38.04 13.20 -16.18
CA LEU B 182 38.49 14.02 -15.06
C LEU B 182 38.65 13.04 -13.89
N PRO B 183 39.51 13.38 -12.92
CA PRO B 183 39.71 12.50 -11.76
C PRO B 183 38.46 12.36 -10.90
N SER B 184 38.34 11.21 -10.23
CA SER B 184 37.20 10.97 -9.37
C SER B 184 37.20 11.96 -8.21
N PRO B 185 36.04 12.55 -7.89
CA PRO B 185 35.93 13.51 -6.79
C PRO B 185 36.69 13.03 -5.55
N ASN B 186 37.66 13.82 -5.11
CA ASN B 186 38.47 13.49 -3.93
C ASN B 186 37.64 13.71 -2.68
N ILE B 187 36.67 12.82 -2.46
CA ILE B 187 35.77 12.89 -1.31
C ILE B 187 35.88 11.61 -0.49
N LYS B 188 35.87 11.76 0.83
CA LYS B 188 35.95 10.60 1.71
C LYS B 188 34.60 9.90 1.76
N LEU B 189 34.59 8.61 1.43
CA LEU B 189 33.35 7.83 1.42
C LEU B 189 33.57 6.48 2.07
N GLU B 190 32.54 5.95 2.71
CA GLU B 190 32.65 4.64 3.35
C GLU B 190 32.20 3.60 2.33
N LEU B 191 33.12 2.73 1.93
CA LEU B 191 32.81 1.69 0.96
C LEU B 191 33.15 0.35 1.59
N THR B 192 32.36 -0.67 1.27
CA THR B 192 32.60 -2.00 1.82
C THR B 192 32.63 -3.03 0.68
N ALA B 193 33.76 -3.73 0.56
CA ALA B 193 33.92 -4.74 -0.47
C ALA B 193 33.01 -5.93 -0.18
N PRO B 194 32.51 -6.60 -1.23
CA PRO B 194 31.64 -7.76 -1.03
C PRO B 194 32.40 -8.90 -0.34
N PRO B 195 31.67 -9.78 0.37
CA PRO B 195 32.32 -10.90 1.05
C PRO B 195 32.83 -11.93 0.05
N PRO B 196 33.97 -12.58 0.35
CA PRO B 196 34.57 -13.59 -0.51
C PRO B 196 33.59 -14.71 -0.86
N GLU B 197 32.68 -14.97 0.07
CA GLU B 197 31.68 -16.02 -0.09
C GLU B 197 30.81 -15.83 -1.33
N PHE B 198 30.69 -14.59 -1.81
CA PHE B 198 29.89 -14.32 -2.99
C PHE B 198 30.51 -14.96 -4.23
N PHE B 199 31.83 -15.17 -4.18
CA PHE B 199 32.57 -15.71 -5.32
C PHE B 199 33.35 -16.97 -4.98
N PRO B 200 32.66 -18.10 -4.84
CA PRO B 200 33.25 -19.41 -4.51
C PRO B 200 34.25 -19.96 -5.51
N GLN B 201 35.12 -20.84 -5.02
CA GLN B 201 36.12 -21.49 -5.86
C GLN B 201 35.37 -22.51 -6.70
N ILE B 202 35.68 -22.56 -8.00
CA ILE B 202 35.02 -23.50 -8.88
C ILE B 202 36.06 -24.38 -9.57
N ASN B 203 35.71 -25.65 -9.77
CA ASN B 203 36.61 -26.55 -10.45
C ASN B 203 36.38 -26.36 -11.95
N PHE B 204 37.37 -25.82 -12.65
CA PHE B 204 37.22 -25.62 -14.09
C PHE B 204 37.28 -26.96 -14.82
N ASP B 205 36.31 -27.19 -15.70
CA ASP B 205 36.24 -28.44 -16.46
C ASP B 205 36.76 -28.15 -17.87
N HIS B 206 37.79 -28.87 -18.29
CA HIS B 206 38.37 -28.64 -19.60
C HIS B 206 37.47 -28.95 -20.78
N ARG B 207 36.31 -29.52 -20.52
CA ARG B 207 35.36 -29.80 -21.59
C ARG B 207 34.54 -28.54 -21.86
N SER B 208 34.61 -27.58 -20.94
CA SER B 208 33.89 -26.31 -21.10
C SER B 208 34.13 -25.74 -22.49
N VAL B 209 33.11 -25.14 -23.09
CA VAL B 209 33.27 -24.58 -24.43
C VAL B 209 34.36 -23.50 -24.43
N LEU B 210 34.46 -22.77 -23.33
CA LEU B 210 35.46 -21.71 -23.19
C LEU B 210 35.87 -21.50 -21.75
N ALA B 211 37.06 -20.94 -21.55
CA ALA B 211 37.51 -20.60 -20.21
C ALA B 211 37.03 -19.16 -20.08
N PHE B 212 35.74 -18.99 -19.80
CA PHE B 212 35.12 -17.68 -19.67
C PHE B 212 35.79 -16.75 -18.67
N GLN B 213 36.11 -15.54 -19.12
CA GLN B 213 36.71 -14.51 -18.27
C GLN B 213 35.84 -13.27 -18.38
N GLY B 214 35.34 -12.79 -17.24
CA GLY B 214 34.49 -11.63 -17.26
C GLY B 214 35.20 -10.36 -17.66
N GLY B 215 34.44 -9.38 -18.14
CA GLY B 215 35.05 -8.12 -18.51
C GLY B 215 34.99 -7.70 -19.96
N GLU B 216 34.94 -6.38 -20.16
CA GLU B 216 34.91 -5.78 -21.49
C GLU B 216 36.13 -6.23 -22.30
N THR B 217 37.30 -6.20 -21.67
CA THR B 217 38.53 -6.59 -22.36
C THR B 217 38.45 -8.02 -22.92
N ALA B 218 38.00 -8.96 -22.08
CA ALA B 218 37.87 -10.34 -22.53
C ALA B 218 36.75 -10.47 -23.57
N GLY B 219 35.68 -9.71 -23.41
CA GLY B 219 34.59 -9.78 -24.38
C GLY B 219 35.03 -9.29 -25.74
N LEU B 220 35.76 -8.17 -25.76
CA LEU B 220 36.25 -7.61 -27.02
C LEU B 220 37.21 -8.60 -27.68
N ALA B 221 38.01 -9.29 -26.87
CA ALA B 221 38.97 -10.27 -27.41
C ALA B 221 38.25 -11.49 -27.99
N ARG B 222 37.16 -11.90 -27.36
CA ARG B 222 36.41 -13.05 -27.88
C ARG B 222 35.83 -12.68 -29.24
N LEU B 223 35.30 -11.48 -29.38
CA LEU B 223 34.74 -11.06 -30.66
C LEU B 223 35.85 -11.03 -31.71
N GLN B 224 37.02 -10.52 -31.32
CA GLN B 224 38.15 -10.45 -32.25
C GLN B 224 38.53 -11.86 -32.71
N ASP B 225 38.51 -12.81 -31.78
CA ASP B 225 38.87 -14.19 -32.09
C ASP B 225 37.83 -14.93 -32.93
N TYR B 226 36.54 -14.72 -32.66
CA TYR B 226 35.51 -15.41 -33.41
C TYR B 226 35.29 -14.83 -34.80
N PHE B 227 35.21 -13.51 -34.89
CA PHE B 227 34.98 -12.82 -36.15
C PHE B 227 36.22 -12.76 -37.05
N TRP B 228 37.28 -12.15 -36.52
CA TRP B 228 38.50 -11.92 -37.30
C TRP B 228 39.63 -12.96 -37.29
N HIS B 229 40.18 -13.25 -36.11
CA HIS B 229 41.26 -14.22 -36.02
C HIS B 229 40.84 -15.57 -36.59
N GLY B 230 39.69 -16.06 -36.15
CA GLY B 230 39.20 -17.34 -36.61
C GLY B 230 38.39 -17.26 -37.90
N ASP B 231 37.89 -16.08 -38.23
CA ASP B 231 37.10 -15.88 -39.43
C ASP B 231 35.95 -16.89 -39.47
N ARG B 232 35.24 -17.00 -38.35
CA ARG B 232 34.14 -17.95 -38.24
C ARG B 232 32.73 -17.43 -38.51
N LEU B 233 32.54 -16.12 -38.44
CA LEU B 233 31.21 -15.56 -38.66
C LEU B 233 30.57 -16.02 -39.98
N LYS B 234 31.38 -16.20 -41.02
CA LYS B 234 30.86 -16.61 -42.32
C LYS B 234 30.22 -18.00 -42.33
N ASP B 235 30.46 -18.78 -41.29
CA ASP B 235 29.90 -20.13 -41.20
C ASP B 235 28.92 -20.31 -40.04
N TYR B 236 28.60 -19.21 -39.36
CA TYR B 236 27.71 -19.23 -38.21
C TYR B 236 26.38 -19.97 -38.40
N LYS B 237 25.67 -19.68 -39.50
CA LYS B 237 24.38 -20.32 -39.72
C LYS B 237 24.49 -21.84 -39.82
N GLU B 238 25.60 -22.34 -40.35
CA GLU B 238 25.78 -23.78 -40.50
C GLU B 238 26.22 -24.49 -39.21
N THR B 239 26.85 -23.76 -38.31
CA THR B 239 27.36 -24.37 -37.08
C THR B 239 26.60 -24.06 -35.78
N ARG B 240 25.68 -23.10 -35.83
CA ARG B 240 24.95 -22.68 -34.63
C ARG B 240 24.20 -23.74 -33.83
N ASN B 241 23.93 -24.90 -34.42
CA ASN B 241 23.22 -25.94 -33.68
C ASN B 241 24.18 -26.99 -33.12
N GLY B 242 25.47 -26.68 -33.14
CA GLY B 242 26.46 -27.59 -32.60
C GLY B 242 26.41 -27.54 -31.09
N MET B 243 27.16 -28.42 -30.42
CA MET B 243 27.16 -28.45 -28.97
C MET B 243 28.54 -28.70 -28.37
N VAL B 244 29.53 -28.94 -29.21
CA VAL B 244 30.88 -29.19 -28.73
C VAL B 244 31.87 -28.10 -29.17
N GLY B 245 32.68 -27.61 -28.24
CA GLY B 245 33.67 -26.60 -28.57
C GLY B 245 33.19 -25.16 -28.57
N ALA B 246 34.13 -24.24 -28.69
CA ALA B 246 33.84 -22.82 -28.69
C ALA B 246 33.45 -22.28 -30.06
N ASP B 247 33.99 -22.92 -31.10
CA ASP B 247 33.77 -22.48 -32.47
C ASP B 247 32.39 -22.55 -33.13
N TYR B 248 31.47 -23.36 -32.61
CA TYR B 248 30.17 -23.47 -33.28
C TYR B 248 29.28 -22.25 -33.18
N SER B 249 29.60 -21.32 -32.27
CA SER B 249 28.81 -20.10 -32.12
C SER B 249 29.67 -19.00 -31.51
N SER B 250 29.13 -17.80 -31.39
CA SER B 250 29.89 -16.66 -30.88
C SER B 250 30.31 -16.74 -29.41
N LYS B 251 29.44 -17.32 -28.58
CA LYS B 251 29.68 -17.42 -27.14
C LYS B 251 29.74 -16.01 -26.53
N PHE B 252 29.13 -15.04 -27.19
CA PHE B 252 29.10 -13.66 -26.70
C PHE B 252 28.11 -13.49 -25.53
N SER B 253 27.20 -14.44 -25.35
CA SER B 253 26.16 -14.31 -24.33
C SER B 253 26.48 -13.79 -22.94
N PRO B 254 27.51 -14.32 -22.25
CA PRO B 254 27.76 -13.77 -20.92
C PRO B 254 28.22 -12.31 -20.92
N TRP B 255 28.93 -11.90 -21.97
CA TRP B 255 29.40 -10.52 -22.06
C TRP B 255 28.24 -9.59 -22.43
N LEU B 256 27.32 -10.09 -23.26
CA LEU B 256 26.15 -9.29 -23.63
C LEU B 256 25.23 -9.14 -22.42
N ALA B 257 25.10 -10.23 -21.64
CA ALA B 257 24.22 -10.21 -20.46
C ALA B 257 24.64 -9.18 -19.41
N LEU B 258 25.94 -9.00 -19.24
CA LEU B 258 26.47 -8.07 -18.25
C LEU B 258 26.86 -6.73 -18.87
N GLY B 259 26.64 -6.59 -20.17
CA GLY B 259 26.96 -5.33 -20.82
C GLY B 259 28.44 -5.06 -21.06
N CYS B 260 29.27 -6.10 -20.97
CA CYS B 260 30.69 -5.96 -21.24
C CYS B 260 30.85 -5.71 -22.74
N LEU B 261 29.87 -6.16 -23.50
CA LEU B 261 29.85 -5.95 -24.94
C LEU B 261 28.53 -5.33 -25.33
N SER B 262 28.60 -4.26 -26.11
CA SER B 262 27.39 -3.58 -26.59
C SER B 262 26.87 -4.28 -27.83
N PRO B 263 25.54 -4.52 -27.90
CA PRO B 263 24.99 -5.19 -29.09
C PRO B 263 25.20 -4.34 -30.33
N ARG B 264 25.23 -3.02 -30.17
CA ARG B 264 25.44 -2.12 -31.29
C ARG B 264 26.87 -2.24 -31.81
N PHE B 265 27.81 -2.49 -30.91
CA PHE B 265 29.20 -2.65 -31.31
C PHE B 265 29.36 -3.94 -32.09
N ILE B 266 28.68 -4.98 -31.63
CA ILE B 266 28.74 -6.27 -32.31
C ILE B 266 28.15 -6.09 -33.70
N TYR B 267 27.05 -5.35 -33.79
CA TYR B 267 26.40 -5.08 -35.06
C TYR B 267 27.38 -4.34 -35.98
N GLN B 268 28.04 -3.33 -35.43
CA GLN B 268 29.00 -2.53 -36.19
C GLN B 268 30.11 -3.43 -36.74
N GLU B 269 30.54 -4.40 -35.93
CA GLU B 269 31.60 -5.31 -36.35
C GLU B 269 31.12 -6.30 -37.39
N VAL B 270 29.85 -6.70 -37.31
CA VAL B 270 29.30 -7.62 -38.30
C VAL B 270 29.29 -6.91 -39.66
N LYS B 271 28.90 -5.64 -39.66
CA LYS B 271 28.85 -4.88 -40.91
C LYS B 271 30.27 -4.70 -41.45
N ARG B 272 31.22 -4.45 -40.56
CA ARG B 272 32.60 -4.28 -41.01
C ARG B 272 33.11 -5.61 -41.58
N TYR B 273 32.66 -6.71 -40.99
CA TYR B 273 33.05 -8.04 -41.46
C TYR B 273 32.50 -8.29 -42.86
N GLU B 274 31.23 -7.95 -43.05
CA GLU B 274 30.58 -8.13 -44.34
C GLU B 274 31.28 -7.30 -45.41
N GLN B 275 31.76 -6.13 -44.99
CA GLN B 275 32.46 -5.22 -45.88
C GLN B 275 33.86 -5.73 -46.23
N GLU B 276 34.61 -6.09 -45.20
CA GLU B 276 35.98 -6.55 -45.37
C GLU B 276 36.20 -7.99 -45.83
N ARG B 277 35.23 -8.87 -45.62
CA ARG B 277 35.42 -10.26 -46.02
C ARG B 277 34.27 -10.85 -46.82
N VAL B 278 33.11 -11.05 -46.18
CA VAL B 278 31.98 -11.61 -46.89
C VAL B 278 30.65 -11.34 -46.21
N SER B 279 29.60 -11.25 -47.03
CA SER B 279 28.25 -11.01 -46.55
C SER B 279 27.39 -12.15 -47.09
N ASN B 280 26.83 -12.95 -46.19
CA ASN B 280 26.00 -14.07 -46.60
C ASN B 280 24.91 -14.37 -45.58
N ASP B 281 24.33 -15.56 -45.65
CA ASP B 281 23.28 -15.93 -44.71
C ASP B 281 23.77 -15.94 -43.26
N SER B 282 24.99 -16.42 -43.06
CA SER B 282 25.55 -16.49 -41.70
C SER B 282 25.74 -15.14 -41.03
N THR B 283 26.31 -14.17 -41.74
CA THR B 283 26.52 -12.85 -41.18
C THR B 283 25.21 -12.18 -40.82
N HIS B 284 24.17 -12.43 -41.62
CA HIS B 284 22.87 -11.85 -41.35
C HIS B 284 22.18 -12.61 -40.23
N TRP B 285 22.43 -13.91 -40.16
CA TRP B 285 21.81 -14.74 -39.14
C TRP B 285 22.22 -14.35 -37.73
N LEU B 286 23.46 -13.90 -37.55
CA LEU B 286 23.90 -13.49 -36.22
C LEU B 286 23.06 -12.29 -35.78
N ILE B 287 22.76 -11.40 -36.72
CA ILE B 287 21.96 -10.23 -36.41
C ILE B 287 20.55 -10.68 -36.03
N PHE B 288 20.07 -11.72 -36.70
CA PHE B 288 18.76 -12.28 -36.43
C PHE B 288 18.70 -12.73 -34.96
N GLU B 289 19.80 -13.32 -34.50
CA GLU B 289 19.84 -13.79 -33.12
C GLU B 289 19.84 -12.60 -32.15
N LEU B 290 20.51 -11.52 -32.52
CA LEU B 290 20.54 -10.36 -31.64
C LEU B 290 19.14 -9.75 -31.59
N LEU B 291 18.34 -9.99 -32.62
CA LEU B 291 16.98 -9.46 -32.65
C LEU B 291 16.09 -10.26 -31.72
N TRP B 292 16.35 -11.56 -31.59
CA TRP B 292 15.56 -12.37 -30.67
C TRP B 292 15.78 -11.83 -29.26
N ARG B 293 17.02 -11.40 -28.99
CA ARG B 293 17.37 -10.84 -27.69
C ARG B 293 16.55 -9.56 -27.48
N ASP B 294 16.56 -8.70 -28.48
CA ASP B 294 15.79 -7.45 -28.41
C ASP B 294 14.30 -7.79 -28.20
N PHE B 295 13.81 -8.73 -29.00
CA PHE B 295 12.41 -9.14 -28.92
C PHE B 295 12.02 -9.51 -27.50
N PHE B 296 12.80 -10.38 -26.88
CA PHE B 296 12.47 -10.81 -25.52
C PHE B 296 12.56 -9.66 -24.51
N ARG B 297 13.43 -8.68 -24.74
CA ARG B 297 13.49 -7.57 -23.81
C ARG B 297 12.23 -6.72 -23.96
N PHE B 298 11.73 -6.57 -25.18
CA PHE B 298 10.52 -5.78 -25.38
C PHE B 298 9.29 -6.55 -24.90
N VAL B 299 9.32 -7.87 -25.05
CA VAL B 299 8.21 -8.70 -24.59
C VAL B 299 8.11 -8.56 -23.07
N ALA B 300 9.26 -8.61 -22.40
CA ALA B 300 9.30 -8.47 -20.95
C ALA B 300 8.73 -7.12 -20.52
N GLN B 301 9.03 -6.08 -21.29
CA GLN B 301 8.56 -4.74 -20.97
C GLN B 301 7.05 -4.66 -21.14
N LYS B 302 6.55 -5.25 -22.22
CA LYS B 302 5.11 -5.24 -22.50
C LYS B 302 4.25 -6.01 -21.49
N TYR B 303 4.61 -7.27 -21.27
CA TYR B 303 3.86 -8.14 -20.37
C TYR B 303 4.12 -8.00 -18.88
N GLY B 304 5.25 -7.39 -18.53
CA GLY B 304 5.57 -7.21 -17.14
C GLY B 304 5.63 -8.52 -16.36
N ASN B 305 5.05 -8.51 -15.16
CA ASN B 305 5.05 -9.67 -14.28
C ASN B 305 4.35 -10.92 -14.80
N LYS B 306 3.61 -10.81 -15.90
CA LYS B 306 2.96 -11.98 -16.44
C LYS B 306 4.05 -12.92 -16.94
N LEU B 307 5.23 -12.35 -17.16
CA LEU B 307 6.37 -13.11 -17.65
C LEU B 307 6.81 -14.15 -16.61
N PHE B 308 6.51 -13.87 -15.33
CA PHE B 308 6.90 -14.76 -14.25
C PHE B 308 5.76 -15.54 -13.60
N ASN B 309 4.53 -15.29 -14.02
CA ASN B 309 3.38 -16.00 -13.46
C ASN B 309 3.37 -17.44 -13.93
N ARG B 310 2.78 -18.33 -13.13
CA ARG B 310 2.72 -19.73 -13.52
C ARG B 310 1.95 -19.84 -14.84
N GLY B 311 1.01 -18.93 -15.04
CA GLY B 311 0.22 -18.94 -16.26
C GLY B 311 0.96 -18.50 -17.50
N GLY B 312 2.07 -17.78 -17.31
CA GLY B 312 2.85 -17.32 -18.44
C GLY B 312 2.26 -16.09 -19.11
N LEU B 313 2.86 -15.68 -20.23
CA LEU B 313 2.40 -14.51 -20.94
C LEU B 313 0.95 -14.69 -21.44
N LEU B 314 0.61 -15.91 -21.82
CA LEU B 314 -0.73 -16.22 -22.32
C LEU B 314 -1.70 -16.58 -21.21
N ASN B 315 -1.20 -16.65 -19.97
CA ASN B 315 -2.03 -16.98 -18.82
C ASN B 315 -2.83 -18.25 -19.08
N LYS B 316 -2.12 -19.38 -19.17
CA LYS B 316 -2.75 -20.67 -19.41
C LYS B 316 -3.14 -21.33 -18.09
N ASN B 317 -4.06 -22.29 -18.15
CA ASN B 317 -4.51 -23.00 -16.95
C ASN B 317 -3.82 -24.34 -16.76
N PHE B 318 -2.74 -24.56 -17.51
CA PHE B 318 -1.99 -25.81 -17.42
C PHE B 318 -1.66 -26.18 -15.98
N PRO B 319 -1.83 -27.46 -15.63
CA PRO B 319 -1.51 -27.86 -14.26
C PRO B 319 -0.02 -28.20 -14.31
N TRP B 320 0.66 -28.12 -13.17
CA TRP B 320 2.08 -28.44 -13.14
C TRP B 320 2.36 -29.25 -11.89
N GLN B 321 3.36 -30.12 -11.97
CA GLN B 321 3.73 -30.94 -10.82
C GLN B 321 4.92 -30.38 -10.07
N GLU B 322 4.82 -30.33 -8.76
CA GLU B 322 5.92 -29.86 -7.93
C GLU B 322 6.64 -31.12 -7.50
N ASP B 323 7.18 -31.83 -8.49
CA ASP B 323 7.87 -33.11 -8.31
C ASP B 323 9.34 -32.91 -7.94
N GLN B 324 9.61 -32.84 -6.64
CA GLN B 324 10.97 -32.64 -6.15
C GLN B 324 11.97 -33.68 -6.62
N VAL B 325 11.64 -34.95 -6.45
CA VAL B 325 12.56 -36.01 -6.84
C VAL B 325 12.92 -36.04 -8.32
N ARG B 326 11.94 -35.94 -9.22
CA ARG B 326 12.28 -35.97 -10.63
C ARG B 326 12.89 -34.66 -11.08
N PHE B 327 12.56 -33.57 -10.39
CA PHE B 327 13.19 -32.31 -10.75
C PHE B 327 14.68 -32.46 -10.49
N GLU B 328 15.01 -33.11 -9.37
CA GLU B 328 16.41 -33.33 -9.01
C GLU B 328 17.12 -34.20 -10.03
N LEU B 329 16.43 -35.18 -10.59
CA LEU B 329 17.02 -36.04 -11.60
C LEU B 329 17.34 -35.17 -12.81
N TRP B 330 16.43 -34.25 -13.13
CA TRP B 330 16.62 -33.34 -14.25
C TRP B 330 17.81 -32.42 -13.98
N ARG B 331 17.79 -31.73 -12.84
CA ARG B 331 18.85 -30.79 -12.49
C ARG B 331 20.24 -31.43 -12.47
N SER B 332 20.33 -32.63 -11.91
CA SER B 332 21.61 -33.32 -11.79
C SER B 332 22.02 -34.09 -13.04
N GLY B 333 21.18 -34.10 -14.06
CA GLY B 333 21.52 -34.82 -15.27
C GLY B 333 21.50 -36.33 -15.09
N GLN B 334 20.45 -36.84 -14.44
CA GLN B 334 20.33 -38.28 -14.24
C GLN B 334 18.93 -38.74 -14.65
N THR B 335 18.45 -38.19 -15.76
CA THR B 335 17.13 -38.50 -16.28
C THR B 335 17.06 -39.81 -17.07
N GLY B 336 18.20 -40.32 -17.49
CA GLY B 336 18.19 -41.54 -18.28
C GLY B 336 18.16 -41.22 -19.77
N TYR B 337 18.01 -39.93 -20.10
CA TYR B 337 18.02 -39.50 -21.49
C TYR B 337 19.36 -38.82 -21.75
N PRO B 338 20.25 -39.49 -22.49
CA PRO B 338 21.58 -38.93 -22.78
C PRO B 338 21.65 -37.46 -23.21
N LEU B 339 20.86 -37.06 -24.22
CA LEU B 339 20.91 -35.67 -24.68
C LEU B 339 20.63 -34.70 -23.53
N VAL B 340 19.63 -35.02 -22.71
CA VAL B 340 19.30 -34.17 -21.58
C VAL B 340 20.37 -34.21 -20.49
N ASP B 341 20.83 -35.42 -20.16
CA ASP B 341 21.82 -35.57 -19.11
C ASP B 341 23.16 -34.91 -19.45
N ALA B 342 23.60 -35.06 -20.70
CA ALA B 342 24.87 -34.47 -21.12
C ALA B 342 24.77 -32.94 -20.99
N ASN B 343 23.65 -32.38 -21.45
CA ASN B 343 23.44 -30.94 -21.39
C ASN B 343 23.32 -30.38 -19.98
N MET B 344 22.60 -31.08 -19.11
CA MET B 344 22.46 -30.59 -17.74
C MET B 344 23.77 -30.71 -16.97
N ARG B 345 24.58 -31.72 -17.30
CA ARG B 345 25.86 -31.85 -16.61
C ARG B 345 26.82 -30.77 -17.13
N GLU B 346 26.74 -30.46 -18.41
CA GLU B 346 27.59 -29.41 -18.97
C GLU B 346 27.26 -28.09 -18.26
N LEU B 347 25.96 -27.83 -18.09
CA LEU B 347 25.51 -26.62 -17.40
C LEU B 347 26.04 -26.57 -15.97
N ASN B 348 25.86 -27.68 -15.26
CA ASN B 348 26.29 -27.76 -13.87
C ASN B 348 27.80 -27.64 -13.71
N LEU B 349 28.54 -28.21 -14.65
CA LEU B 349 30.01 -28.20 -14.59
C LEU B 349 30.71 -27.05 -15.29
N THR B 350 29.98 -26.24 -16.05
CA THR B 350 30.61 -25.13 -16.78
C THR B 350 29.84 -23.83 -16.75
N GLY B 351 28.54 -23.90 -16.49
CA GLY B 351 27.73 -22.69 -16.47
C GLY B 351 27.17 -22.32 -17.82
N PHE B 352 27.49 -23.10 -18.84
CA PHE B 352 27.01 -22.83 -20.20
C PHE B 352 26.33 -24.05 -20.82
N MET B 353 25.45 -23.78 -21.78
CA MET B 353 24.75 -24.83 -22.51
C MET B 353 24.37 -24.27 -23.88
N SER B 354 24.55 -25.08 -24.92
CA SER B 354 24.23 -24.66 -26.28
C SER B 354 22.74 -24.35 -26.37
N ASN B 355 22.37 -23.52 -27.34
CA ASN B 355 20.96 -23.17 -27.54
C ASN B 355 20.17 -24.43 -27.87
N ARG B 356 20.75 -25.30 -28.69
CA ARG B 356 20.07 -26.53 -29.08
C ARG B 356 19.80 -27.37 -27.83
N GLY B 357 20.76 -27.38 -26.91
CA GLY B 357 20.58 -28.13 -25.67
C GLY B 357 19.53 -27.51 -24.76
N ARG B 358 19.54 -26.19 -24.63
CA ARG B 358 18.58 -25.49 -23.77
C ARG B 358 17.14 -25.75 -24.21
N GLN B 359 16.92 -25.75 -25.51
CA GLN B 359 15.58 -25.99 -26.04
C GLN B 359 15.10 -27.38 -25.65
N ASN B 360 16.00 -28.36 -25.76
CA ASN B 360 15.65 -29.73 -25.44
C ASN B 360 15.45 -29.99 -23.95
N VAL B 361 16.35 -29.49 -23.10
CA VAL B 361 16.18 -29.75 -21.68
C VAL B 361 14.97 -29.02 -21.10
N ALA B 362 14.65 -27.86 -21.63
CA ALA B 362 13.49 -27.11 -21.13
C ALA B 362 12.23 -27.86 -21.53
N SER B 363 12.19 -28.29 -22.79
CA SER B 363 11.03 -29.02 -23.30
C SER B 363 10.84 -30.29 -22.48
N PHE B 364 11.94 -30.98 -22.18
CA PHE B 364 11.83 -32.21 -21.41
C PHE B 364 11.20 -31.94 -20.04
N LEU B 365 11.66 -30.92 -19.35
CA LEU B 365 11.12 -30.60 -18.03
C LEU B 365 9.64 -30.24 -18.08
N CYS B 366 9.29 -29.37 -19.02
CA CYS B 366 7.91 -28.91 -19.15
C CYS B 366 6.92 -29.89 -19.76
N LYS B 367 7.30 -30.47 -20.89
CA LYS B 367 6.43 -31.39 -21.63
C LYS B 367 6.47 -32.84 -21.18
N ASN B 368 7.65 -33.36 -20.87
CA ASN B 368 7.74 -34.74 -20.46
C ASN B 368 7.53 -34.94 -18.96
N LEU B 369 8.28 -34.22 -18.14
CA LEU B 369 8.12 -34.35 -16.69
C LEU B 369 6.89 -33.57 -16.19
N GLY B 370 6.44 -32.59 -16.97
CA GLY B 370 5.28 -31.81 -16.58
C GLY B 370 5.48 -31.07 -15.26
N ILE B 371 6.72 -30.70 -14.98
CA ILE B 371 7.06 -30.01 -13.74
C ILE B 371 7.00 -28.49 -13.89
N ASP B 372 6.53 -27.83 -12.83
CA ASP B 372 6.42 -26.36 -12.78
C ASP B 372 7.57 -25.76 -13.56
N TRP B 373 7.26 -25.15 -14.71
CA TRP B 373 8.28 -24.57 -15.57
C TRP B 373 9.16 -23.55 -14.86
N ARG B 374 8.60 -22.86 -13.87
CA ARG B 374 9.37 -21.85 -13.14
C ARG B 374 10.56 -22.47 -12.40
N TRP B 375 10.44 -23.74 -12.01
CA TRP B 375 11.54 -24.40 -11.32
C TRP B 375 12.75 -24.49 -12.26
N GLY B 376 12.47 -24.80 -13.53
CA GLY B 376 13.54 -24.89 -14.50
C GLY B 376 14.13 -23.52 -14.82
N ALA B 377 13.26 -22.54 -14.97
CA ALA B 377 13.71 -21.18 -15.26
C ALA B 377 14.59 -20.66 -14.13
N GLU B 378 14.20 -20.97 -12.89
CA GLU B 378 14.97 -20.55 -11.72
C GLU B 378 16.33 -21.25 -11.64
N TRP B 379 16.40 -22.52 -12.05
CA TRP B 379 17.66 -23.24 -12.02
C TRP B 379 18.61 -22.62 -13.07
N PHE B 380 18.05 -22.25 -14.21
CA PHE B 380 18.86 -21.62 -15.25
C PHE B 380 19.33 -20.28 -14.72
N GLU B 381 18.43 -19.55 -14.06
CA GLU B 381 18.77 -18.25 -13.49
C GLU B 381 19.94 -18.38 -12.53
N SER B 382 19.91 -19.46 -11.75
CA SER B 382 20.96 -19.69 -10.78
C SER B 382 22.29 -20.08 -11.44
N CYS B 383 22.22 -21.11 -12.28
CA CYS B 383 23.42 -21.67 -12.90
C CYS B 383 24.05 -21.04 -14.16
N LEU B 384 23.24 -20.44 -15.03
CA LEU B 384 23.77 -19.86 -16.27
C LEU B 384 24.79 -18.74 -16.10
N ILE B 385 25.93 -18.88 -16.78
CA ILE B 385 26.96 -17.87 -16.71
C ILE B 385 26.54 -16.64 -17.52
N ASP B 386 25.57 -16.83 -18.42
CA ASP B 386 25.05 -15.76 -19.28
C ASP B 386 23.60 -15.40 -19.00
N TYR B 387 23.13 -15.64 -17.78
CA TYR B 387 21.75 -15.35 -17.43
C TYR B 387 21.31 -13.94 -17.80
N ASP B 388 20.19 -13.86 -18.52
CA ASP B 388 19.60 -12.58 -18.90
C ASP B 388 18.12 -12.80 -18.56
N VAL B 389 17.62 -12.08 -17.58
CA VAL B 389 16.25 -12.26 -17.15
C VAL B 389 15.22 -12.32 -18.29
N CYS B 390 15.29 -11.36 -19.22
CA CYS B 390 14.34 -11.35 -20.32
C CYS B 390 14.48 -12.54 -21.27
N SER B 391 15.71 -12.81 -21.70
CA SER B 391 15.90 -13.94 -22.61
C SER B 391 15.62 -15.29 -21.95
N ASN B 392 16.03 -15.45 -20.71
CA ASN B 392 15.80 -16.73 -20.03
C ASN B 392 14.31 -16.99 -19.81
N TRP B 393 13.66 -16.09 -19.10
CA TRP B 393 12.24 -16.28 -18.83
C TRP B 393 11.38 -16.25 -20.08
N GLY B 394 11.76 -15.42 -21.05
CA GLY B 394 11.01 -15.36 -22.29
C GLY B 394 11.07 -16.70 -23.02
N ASN B 395 12.28 -17.24 -23.14
CA ASN B 395 12.47 -18.52 -23.82
C ASN B 395 11.77 -19.66 -23.07
N TRP B 396 11.79 -19.59 -21.74
CA TRP B 396 11.12 -20.62 -20.95
C TRP B 396 9.61 -20.55 -21.18
N ASN B 397 9.07 -19.34 -21.26
CA ASN B 397 7.64 -19.16 -21.52
C ASN B 397 7.26 -19.82 -22.84
N TYR B 398 8.07 -19.60 -23.87
CA TYR B 398 7.79 -20.19 -25.18
C TYR B 398 7.86 -21.71 -25.16
N THR B 399 8.91 -22.24 -24.54
CA THR B 399 9.10 -23.69 -24.46
C THR B 399 8.00 -24.37 -23.65
N ALA B 400 7.56 -23.71 -22.58
CA ALA B 400 6.52 -24.25 -21.71
C ALA B 400 5.14 -24.27 -22.38
N GLY B 401 5.05 -23.64 -23.54
CA GLY B 401 3.79 -23.59 -24.26
C GLY B 401 2.83 -22.55 -23.70
N ILE B 402 3.37 -21.53 -23.03
CA ILE B 402 2.55 -20.49 -22.43
C ILE B 402 2.92 -19.10 -22.91
N GLY B 403 3.81 -19.01 -23.90
CA GLY B 403 4.21 -17.72 -24.41
C GLY B 403 3.78 -17.47 -25.84
N ASN B 404 3.92 -18.49 -26.68
CA ASN B 404 3.55 -18.39 -28.09
C ASN B 404 2.32 -19.27 -28.36
N ASP B 405 1.30 -18.68 -28.97
CA ASP B 405 0.06 -19.41 -29.27
C ASP B 405 0.26 -20.71 -30.03
N ALA B 406 0.16 -20.63 -31.36
CA ALA B 406 0.30 -21.81 -32.21
C ALA B 406 -0.79 -22.82 -31.90
N ARG B 407 -1.67 -23.06 -32.87
CA ARG B 407 -2.77 -23.99 -32.70
C ARG B 407 -2.39 -25.43 -33.07
N ASP B 408 -1.30 -25.91 -32.48
CA ASP B 408 -0.81 -27.26 -32.72
C ASP B 408 0.23 -27.57 -31.64
N PHE B 409 -0.04 -28.60 -30.85
CA PHE B 409 0.86 -29.00 -29.76
C PHE B 409 2.32 -29.03 -30.23
N ARG B 410 3.20 -28.42 -29.46
CA ARG B 410 4.62 -28.39 -29.79
C ARG B 410 5.47 -29.02 -28.69
N TYR B 411 6.51 -29.73 -29.10
CA TYR B 411 7.42 -30.36 -28.15
C TYR B 411 8.64 -30.86 -28.89
N PHE B 412 9.74 -30.99 -28.15
CA PHE B 412 10.98 -31.48 -28.75
C PHE B 412 11.07 -32.98 -28.51
N ASN B 413 11.28 -33.73 -29.58
CA ASN B 413 11.42 -35.17 -29.49
C ASN B 413 12.88 -35.42 -29.12
N ILE B 414 13.15 -35.51 -27.82
CA ILE B 414 14.51 -35.69 -27.35
C ILE B 414 15.31 -36.79 -28.05
N PRO B 415 14.77 -38.03 -28.11
CA PRO B 415 15.57 -39.05 -28.79
C PRO B 415 15.86 -38.75 -30.26
N LYS B 416 14.91 -38.10 -30.93
CA LYS B 416 15.06 -37.71 -32.34
C LYS B 416 16.12 -36.62 -32.47
N GLN B 417 16.00 -35.61 -31.61
CA GLN B 417 16.92 -34.47 -31.58
C GLN B 417 18.34 -34.94 -31.29
N SER B 418 18.45 -35.94 -30.42
CA SER B 418 19.75 -36.51 -30.04
C SER B 418 20.42 -37.05 -31.30
N GLN B 419 19.72 -37.90 -32.03
CA GLN B 419 20.24 -38.49 -33.25
C GLN B 419 20.47 -37.47 -34.36
N GLN B 420 19.60 -36.47 -34.45
CA GLN B 420 19.75 -35.45 -35.49
C GLN B 420 20.92 -34.51 -35.27
N TYR B 421 21.08 -34.03 -34.03
CA TYR B 421 22.14 -33.08 -33.74
C TYR B 421 23.44 -33.63 -33.16
N ASP B 422 23.48 -34.94 -32.91
CA ASP B 422 24.70 -35.59 -32.42
C ASP B 422 24.70 -36.99 -33.03
N PRO B 423 24.63 -37.06 -34.37
CA PRO B 423 24.60 -38.30 -35.15
C PRO B 423 25.74 -39.29 -34.91
N GLN B 424 26.86 -38.81 -34.38
CA GLN B 424 27.99 -39.68 -34.11
C GLN B 424 28.10 -39.95 -32.61
N GLY B 425 27.27 -39.27 -31.83
CA GLY B 425 27.30 -39.45 -30.39
C GLY B 425 28.53 -38.81 -29.76
N THR B 426 29.18 -37.93 -30.52
CA THR B 426 30.38 -37.24 -30.06
C THR B 426 30.11 -36.40 -28.82
N TYR B 427 29.08 -35.58 -28.88
CA TYR B 427 28.73 -34.74 -27.74
C TYR B 427 28.38 -35.62 -26.55
N LEU B 428 27.57 -36.65 -26.77
CA LEU B 428 27.18 -37.55 -25.69
C LEU B 428 28.37 -38.18 -24.98
N ARG B 429 29.30 -38.77 -25.73
CA ARG B 429 30.45 -39.41 -25.08
C ARG B 429 31.34 -38.38 -24.41
N HIS B 430 31.33 -37.16 -24.93
CA HIS B 430 32.14 -36.08 -24.38
C HIS B 430 31.73 -35.84 -22.92
N TRP B 431 30.43 -35.74 -22.68
CA TRP B 431 29.91 -35.48 -21.34
C TRP B 431 29.45 -36.69 -20.53
N LEU B 432 29.26 -37.81 -21.20
CA LEU B 432 28.81 -39.02 -20.51
C LEU B 432 29.77 -40.18 -20.84
N PRO B 433 31.01 -40.09 -20.33
CA PRO B 433 32.06 -41.10 -20.55
C PRO B 433 31.61 -42.54 -20.30
N GLU B 434 30.68 -42.71 -19.37
CA GLU B 434 30.19 -44.04 -19.03
C GLU B 434 29.52 -44.70 -20.23
N LEU B 435 29.13 -43.90 -21.23
CA LEU B 435 28.48 -44.42 -22.44
C LEU B 435 29.48 -44.55 -23.59
N LYS B 436 30.75 -44.37 -23.28
CA LYS B 436 31.84 -44.44 -24.25
C LYS B 436 31.82 -45.64 -25.21
N ASN B 437 31.53 -46.83 -24.68
CA ASN B 437 31.52 -48.05 -25.48
C ASN B 437 30.29 -48.28 -26.34
N LEU B 438 29.25 -47.48 -26.16
CA LEU B 438 28.04 -47.65 -26.95
C LEU B 438 28.24 -47.12 -28.36
N PRO B 439 27.99 -47.96 -29.37
CA PRO B 439 28.16 -47.53 -30.76
C PRO B 439 27.23 -46.37 -31.10
N GLY B 440 27.75 -45.39 -31.83
CA GLY B 440 26.96 -44.25 -32.22
C GLY B 440 25.73 -44.83 -32.89
N ASP B 441 24.68 -44.99 -32.09
CA ASP B 441 23.43 -45.58 -32.55
C ASP B 441 22.64 -45.86 -31.28
N LYS B 442 23.03 -46.95 -30.60
CA LYS B 442 22.39 -47.38 -29.37
C LYS B 442 22.65 -46.45 -28.19
N ILE B 443 23.51 -45.46 -28.41
CA ILE B 443 23.85 -44.53 -27.37
C ILE B 443 22.76 -43.51 -27.07
N HIS B 444 21.91 -43.24 -28.06
CA HIS B 444 20.82 -42.26 -27.89
C HIS B 444 19.67 -42.74 -27.01
N GLN B 445 19.40 -44.04 -27.01
CA GLN B 445 18.32 -44.61 -26.22
C GLN B 445 18.80 -45.83 -25.43
N PRO B 446 19.67 -45.62 -24.44
CA PRO B 446 20.21 -46.71 -23.62
C PRO B 446 19.21 -47.63 -22.93
N TRP B 447 17.98 -47.16 -22.70
CA TRP B 447 16.97 -48.00 -22.05
C TRP B 447 16.57 -49.21 -22.88
N LEU B 448 16.98 -49.25 -24.14
CA LEU B 448 16.67 -50.36 -25.03
C LEU B 448 17.74 -51.46 -24.99
N LEU B 449 18.82 -51.21 -24.26
CA LEU B 449 19.92 -52.17 -24.14
C LEU B 449 19.52 -53.43 -23.38
N SER B 450 19.83 -54.59 -23.97
CA SER B 450 19.53 -55.87 -23.34
C SER B 450 20.58 -56.08 -22.27
N ALA B 451 20.39 -57.09 -21.42
CA ALA B 451 21.35 -57.37 -20.37
C ALA B 451 22.69 -57.75 -21.00
N THR B 452 22.63 -58.49 -22.10
CA THR B 452 23.83 -58.91 -22.80
C THR B 452 24.58 -57.69 -23.34
N GLU B 453 23.83 -56.76 -23.91
CA GLU B 453 24.42 -55.54 -24.45
C GLU B 453 25.05 -54.67 -23.36
N GLN B 454 24.37 -54.57 -22.22
CA GLN B 454 24.89 -53.78 -21.11
C GLN B 454 26.19 -54.38 -20.60
N LYS B 455 26.22 -55.70 -20.51
CA LYS B 455 27.40 -56.42 -20.02
C LYS B 455 28.60 -56.23 -20.94
N GLN B 456 28.42 -56.52 -22.23
CA GLN B 456 29.50 -56.43 -23.20
C GLN B 456 30.06 -55.03 -23.40
N TRP B 457 29.23 -54.00 -23.21
CA TRP B 457 29.72 -52.63 -23.38
C TRP B 457 29.97 -51.88 -22.08
N GLY B 458 29.92 -52.59 -20.96
CA GLY B 458 30.19 -52.00 -19.67
C GLY B 458 29.27 -50.89 -19.19
N VAL B 459 28.00 -50.96 -19.58
CA VAL B 459 27.02 -49.96 -19.18
C VAL B 459 25.84 -50.68 -18.50
N GLN B 460 25.87 -50.76 -17.18
CA GLN B 460 24.78 -51.41 -16.45
C GLN B 460 23.72 -50.39 -16.09
N LEU B 461 22.55 -50.50 -16.70
CA LEU B 461 21.46 -49.56 -16.44
C LEU B 461 21.11 -49.59 -14.95
N GLY B 462 20.94 -48.41 -14.37
CA GLY B 462 20.62 -48.30 -12.96
C GLY B 462 21.86 -48.25 -12.07
N VAL B 463 23.02 -48.46 -12.67
CA VAL B 463 24.28 -48.44 -11.93
C VAL B 463 25.29 -47.46 -12.55
N ASP B 464 25.68 -47.74 -13.79
CA ASP B 464 26.63 -46.91 -14.52
C ASP B 464 25.94 -45.72 -15.17
N TYR B 465 24.67 -45.90 -15.49
CA TYR B 465 23.86 -44.86 -16.12
C TYR B 465 22.41 -45.15 -15.71
N PRO B 466 21.64 -44.11 -15.38
CA PRO B 466 20.24 -44.34 -14.97
C PRO B 466 19.26 -44.81 -16.03
N ARG B 467 18.17 -45.39 -15.55
CA ARG B 467 17.09 -45.85 -16.42
C ARG B 467 16.25 -44.58 -16.59
N PRO B 468 15.35 -44.54 -17.58
CA PRO B 468 14.50 -43.37 -17.83
C PRO B 468 13.64 -42.96 -16.63
N CYS B 469 13.58 -41.66 -16.34
CA CYS B 469 12.79 -41.17 -15.21
C CYS B 469 11.33 -40.99 -15.60
N VAL B 470 11.04 -41.15 -16.89
CA VAL B 470 9.70 -41.02 -17.43
C VAL B 470 9.71 -41.75 -18.76
N ASN B 471 8.55 -42.24 -19.22
CA ASN B 471 8.48 -42.90 -20.52
C ASN B 471 8.24 -41.77 -21.51
N PHE B 472 9.07 -41.67 -22.55
CA PHE B 472 8.92 -40.56 -23.47
C PHE B 472 7.58 -40.42 -24.19
N HIS B 473 7.19 -41.44 -24.94
CA HIS B 473 5.93 -41.37 -25.67
C HIS B 473 4.70 -41.20 -24.79
N GLN B 474 4.66 -41.90 -23.65
CA GLN B 474 3.51 -41.77 -22.75
C GLN B 474 3.40 -40.36 -22.18
N SER B 475 4.53 -39.79 -21.79
CA SER B 475 4.53 -38.44 -21.21
C SER B 475 4.17 -37.39 -22.25
N VAL B 476 4.60 -37.61 -23.49
CA VAL B 476 4.29 -36.66 -24.55
C VAL B 476 2.78 -36.62 -24.79
N GLU B 477 2.19 -37.81 -24.90
CA GLU B 477 0.75 -37.95 -25.14
C GLU B 477 -0.06 -37.36 -23.99
N ALA B 478 0.39 -37.59 -22.75
CA ALA B 478 -0.33 -37.06 -21.59
C ALA B 478 -0.35 -35.53 -21.59
N ARG B 479 0.81 -34.93 -21.84
CA ARG B 479 0.91 -33.47 -21.88
C ARG B 479 0.13 -32.94 -23.08
N ARG B 480 0.01 -33.75 -24.13
CA ARG B 480 -0.74 -33.36 -25.31
C ARG B 480 -2.21 -33.24 -24.93
N LYS B 481 -2.68 -34.20 -24.14
CA LYS B 481 -4.07 -34.22 -23.68
C LYS B 481 -4.40 -32.97 -22.87
N ILE B 482 -3.53 -32.63 -21.92
CA ILE B 482 -3.78 -31.45 -21.10
C ILE B 482 -3.79 -30.18 -21.94
N GLU B 483 -4.94 -29.93 -22.56
CA GLU B 483 -5.16 -28.77 -23.42
C GLU B 483 -6.66 -28.48 -23.40
S SO4 C . -5.98 22.38 -3.86
O1 SO4 C . -5.26 21.73 -5.15
O2 SO4 C . -5.71 21.46 -2.77
O3 SO4 C . -5.49 23.57 -3.63
O4 SO4 C . -7.37 22.33 -4.20
S SO4 D . -0.52 11.00 7.07
O1 SO4 D . 0.40 9.67 6.87
O2 SO4 D . 0.41 12.12 6.98
O3 SO4 D . -1.46 11.05 6.16
O4 SO4 D . -0.96 10.87 8.44
PA FAD E . -31.58 9.44 18.42
O1A FAD E . -32.78 10.00 19.08
O2A FAD E . -31.81 8.74 17.23
O5B FAD E . -30.67 8.45 19.21
C5B FAD E . -30.60 8.69 20.65
C4B FAD E . -29.16 8.73 21.19
O4B FAD E . -28.49 7.54 20.79
C3B FAD E . -28.33 9.85 20.54
O3B FAD E . -28.58 11.06 21.21
C2B FAD E . -26.97 9.43 20.63
O2B FAD E . -26.35 9.73 21.92
C1B FAD E . -27.16 7.90 20.44
N9A FAD E . -26.93 7.46 19.01
C8A FAD E . -27.84 7.32 17.98
N7A FAD E . -27.26 6.89 16.88
C5A FAD E . -25.92 6.75 17.22
C6A FAD E . -24.79 6.34 16.52
N6A FAD E . -24.90 5.99 15.24
N1A FAD E . -23.53 6.30 17.15
C2A FAD E . -23.45 6.66 18.45
N3A FAD E . -24.50 7.07 19.18
C4A FAD E . -25.70 7.09 18.52
N1 FAD E . -23.30 11.23 17.64
C2 FAD E . -22.92 12.00 18.75
O2 FAD E . -23.53 11.90 19.81
N3 FAD E . -21.80 12.86 18.51
C4 FAD E . -21.10 12.97 17.30
O4 FAD E . -20.19 13.78 17.37
C4X FAD E . -21.58 12.10 16.17
N5 FAD E . -20.89 12.18 14.93
C5X FAD E . -21.33 11.34 13.85
C6 FAD E . -20.66 11.40 12.63
C7 FAD E . -21.07 10.57 11.52
C7M FAD E . -20.22 10.71 10.18
C8 FAD E . -22.21 9.66 11.69
C8M FAD E . -22.75 8.72 10.60
C9 FAD E . -22.89 9.60 12.90
C9A FAD E . -22.48 10.42 14.01
N10 FAD E . -23.20 10.35 15.29
C10 FAD E . -22.70 11.19 16.34
C1' FAD E . -24.39 9.62 15.49
C2' FAD E . -25.36 10.73 15.18
O2' FAD E . -26.19 10.31 14.23
C3' FAD E . -26.13 11.43 16.31
O3' FAD E . -26.27 10.52 17.30
C4' FAD E . -27.40 12.16 16.11
O4' FAD E . -28.04 11.76 14.92
C5' FAD E . -28.29 12.09 17.23
O5' FAD E . -29.49 12.77 17.04
P FAD E . -30.64 12.23 18.12
O1P FAD E . -30.12 12.58 19.50
O2P FAD E . -31.87 12.90 17.74
O3P FAD E . -30.57 10.64 17.99
S SO4 F . 14.10 -27.90 -34.92
O1 SO4 F . 15.02 -29.21 -35.19
O2 SO4 F . 14.95 -26.76 -35.19
O3 SO4 F . 13.04 -27.93 -35.69
O4 SO4 F . 13.83 -27.98 -33.52
PA FAD G . 24.85 -17.11 -30.67
O1A FAD G . 26.24 -16.90 -31.11
O2A FAD G . 24.16 -18.14 -31.33
O5B FAD G . 23.82 -15.93 -30.73
C5B FAD G . 24.37 -14.59 -30.51
C4B FAD G . 23.62 -13.79 -29.45
O4B FAD G . 22.26 -13.69 -29.82
C3B FAD G . 23.60 -14.49 -28.09
O3B FAD G . 24.79 -14.24 -27.41
C2B FAD G . 22.43 -14.00 -27.41
O2B FAD G . 22.63 -12.74 -26.69
C1B FAD G . 21.47 -13.83 -28.62
N9A FAD G . 20.54 -15.01 -28.81
C8A FAD G . 20.72 -16.14 -29.59
N7A FAD G . 19.70 -16.94 -29.52
C5A FAD G . 18.80 -16.31 -28.67
C6A FAD G . 17.52 -16.65 -28.20
N6A FAD G . 16.96 -17.80 -28.58
N1A FAD G . 16.83 -15.79 -27.31
C2A FAD G . 17.45 -14.65 -26.95
N3A FAD G . 18.66 -14.27 -27.37
C4A FAD G . 19.29 -15.13 -28.22
N1 FAD G . 20.21 -16.37 -23.58
C2 FAD G . 20.83 -15.44 -22.74
O2 FAD G . 21.56 -14.56 -23.20
N3 FAD G . 20.53 -15.63 -21.36
C4 FAD G . 19.71 -16.63 -20.82
O4 FAD G . 19.63 -16.55 -19.60
C4X FAD G . 19.07 -17.58 -21.81
N5 FAD G . 18.22 -18.60 -21.31
C5X FAD G . 17.61 -19.49 -22.24
C6 FAD G . 16.74 -20.48 -21.75
C7 FAD G . 16.11 -21.40 -22.65
C7M FAD G . 15.14 -22.50 -22.01
C8 FAD G . 16.36 -21.29 -24.10
C8M FAD G . 15.75 -22.20 -25.18
C9 FAD G . 17.22 -20.30 -24.59
C9A FAD G . 17.86 -19.39 -23.70
N10 FAD G . 18.75 -18.33 -24.21
C10 FAD G . 19.33 -17.45 -23.23
C1' FAD G . 19.16 -18.24 -25.54
C2' FAD G . 20.41 -19.07 -25.39
O2' FAD G . 20.35 -20.12 -26.23
C3' FAD G . 21.80 -18.39 -25.47
O3' FAD G . 21.63 -17.27 -26.19
C4' FAD G . 23.03 -19.08 -25.91
O4' FAD G . 22.76 -20.13 -26.77
C5' FAD G . 24.02 -18.17 -26.46
O5' FAD G . 25.20 -18.79 -26.87
P FAD G . 25.96 -17.87 -28.05
O1P FAD G . 26.27 -16.54 -27.40
O2P FAD G . 27.10 -18.64 -28.47
O3P FAD G . 24.81 -17.58 -29.12
#